data_2COG
#
_entry.id   2COG
#
_cell.length_a   66.820
_cell.length_b   106.900
_cell.length_c   110.110
_cell.angle_alpha   90.00
_cell.angle_beta   90.00
_cell.angle_gamma   90.00
#
_symmetry.space_group_name_H-M   'P 21 21 21'
#
loop_
_entity.id
_entity.type
_entity.pdbx_description
1 polymer 'branched chain aminotransferase 1, cytosolic'
2 non-polymer "PYRIDOXAL-5'-PHOSPHATE"
3 non-polymer '4-METHYL VALERIC ACID'
4 non-polymer 'MAGNESIUM ION'
5 water water
#
_entity_poly.entity_id   1
_entity_poly.type   'polypeptide(L)'
_entity_poly.pdbx_seq_one_letter_code
;MKDCSNGCSAECTGEGGSKEVVGTFKAKDLIVTPATILKEKPDPNNLVFGTVFTDHMLTVEWSSEFGWEKPHIKPLQNLS
LHPGSSALHYAVELFEGLKAFRGVDNKIRLFQPNLNMDRMYRSAVRATLPVFDKEELLECIQQLVKLDQEWVPYSTSASL
YIRPTFIGTEPSLGVKKPTKALLFVLLSPVGPYFSSGTFNPVSLWANPKYVRAWKGGTGDCKMGGNYGSSLFAQCEAVDN
GCQQVLWLYGEDHQITEVGTMNLFLYWINEDGEEELATPPLDGIILPGVTRRCILDLAHQWGEFKVSERYLTMDDLTTAL
EGNRVREMFGSGTACVVCPVSDILYKGETIHIPTMENGPKLASRILSKLTDIQYGREERDWTIVLS
;
_entity_poly.pdbx_strand_id   A,B
#
# COMPACT_ATOMS: atom_id res chain seq x y z
N VAL A 22 -15.37 -20.37 -5.28
CA VAL A 22 -16.07 -19.09 -4.97
C VAL A 22 -17.33 -19.31 -4.12
N GLY A 23 -17.46 -18.54 -3.05
CA GLY A 23 -18.60 -18.66 -2.18
C GLY A 23 -18.68 -17.50 -1.20
N THR A 24 -19.36 -17.71 -0.08
CA THR A 24 -19.50 -16.67 0.94
C THR A 24 -19.84 -17.27 2.29
N PHE A 25 -19.55 -16.51 3.34
CA PHE A 25 -19.88 -16.94 4.69
C PHE A 25 -21.32 -16.50 4.83
N LYS A 26 -22.04 -16.99 5.84
CA LYS A 26 -23.44 -16.62 6.02
C LYS A 26 -23.78 -16.19 7.44
N ALA A 27 -24.51 -15.09 7.55
CA ALA A 27 -24.90 -14.56 8.85
C ALA A 27 -25.64 -15.58 9.73
N LYS A 28 -26.46 -16.43 9.12
CA LYS A 28 -27.21 -17.43 9.86
C LYS A 28 -26.29 -18.44 10.52
N ASP A 29 -25.01 -18.41 10.15
CA ASP A 29 -24.03 -19.33 10.69
C ASP A 29 -23.16 -18.68 11.77
N LEU A 30 -23.48 -17.43 12.11
CA LEU A 30 -22.72 -16.69 13.11
C LEU A 30 -22.50 -17.42 14.43
N ILE A 31 -21.24 -17.43 14.89
CA ILE A 31 -20.88 -18.06 16.15
C ILE A 31 -20.55 -16.94 17.12
N VAL A 32 -21.47 -16.64 18.02
CA VAL A 32 -21.30 -15.56 18.99
C VAL A 32 -20.68 -16.06 20.29
N THR A 33 -19.71 -15.31 20.79
CA THR A 33 -19.01 -15.66 22.02
C THR A 33 -18.87 -14.40 22.86
N PRO A 34 -19.90 -14.10 23.67
CA PRO A 34 -19.96 -12.93 24.55
C PRO A 34 -18.80 -12.79 25.52
N ALA A 35 -18.30 -11.56 25.64
CA ALA A 35 -17.20 -11.28 26.56
C ALA A 35 -17.78 -11.25 27.98
N THR A 36 -17.06 -11.84 28.93
CA THR A 36 -17.54 -11.84 30.32
C THR A 36 -17.30 -10.49 30.96
N ILE A 37 -16.13 -9.91 30.69
CA ILE A 37 -15.79 -8.60 31.23
C ILE A 37 -16.15 -7.53 30.20
N LEU A 38 -16.97 -6.58 30.61
CA LEU A 38 -17.38 -5.50 29.72
C LEU A 38 -16.69 -4.19 30.10
N LYS A 39 -16.24 -3.46 29.09
CA LYS A 39 -15.55 -2.20 29.32
C LYS A 39 -16.53 -1.05 29.48
N GLU A 40 -16.18 -0.10 30.33
CA GLU A 40 -17.02 1.06 30.55
C GLU A 40 -17.02 1.92 29.29
N LYS A 41 -18.20 2.41 28.91
CA LYS A 41 -18.33 3.25 27.74
C LYS A 41 -17.66 4.60 28.02
N PRO A 42 -17.12 5.23 26.97
CA PRO A 42 -16.46 6.52 27.15
C PRO A 42 -17.49 7.64 27.20
N ASP A 43 -17.03 8.86 27.49
CA ASP A 43 -17.91 10.01 27.56
C ASP A 43 -18.14 10.54 26.14
N PRO A 44 -19.41 10.65 25.72
CA PRO A 44 -19.81 11.14 24.39
C PRO A 44 -19.09 12.41 23.95
N ASN A 45 -18.64 13.22 24.91
CA ASN A 45 -17.95 14.47 24.62
C ASN A 45 -16.44 14.33 24.80
N LEU A 47 -14.18 12.54 23.12
CA LEU A 47 -13.78 11.38 22.27
C LEU A 47 -12.81 11.77 21.16
N VAL A 48 -11.81 10.92 20.94
CA VAL A 48 -10.82 11.14 19.90
C VAL A 48 -11.00 10.02 18.88
N PHE A 49 -11.19 10.39 17.62
CA PHE A 49 -11.42 9.45 16.53
C PHE A 49 -10.59 8.16 16.54
N GLY A 50 -11.28 7.03 16.46
CA GLY A 50 -10.63 5.74 16.41
C GLY A 50 -9.74 5.38 17.60
N THR A 51 -9.90 6.10 18.69
CA THR A 51 -9.10 5.84 19.88
C THR A 51 -9.71 4.78 20.79
N VAL A 52 -11.04 4.79 20.89
CA VAL A 52 -11.76 3.83 21.74
C VAL A 52 -12.42 2.73 20.94
N PHE A 53 -12.33 1.50 21.41
CA PHE A 53 -12.95 0.38 20.72
C PHE A 53 -13.98 -0.29 21.61
N THR A 54 -15.02 -0.85 21.00
CA THR A 54 -16.09 -1.51 21.75
C THR A 54 -15.62 -2.84 22.36
N ASP A 55 -16.58 -3.62 22.86
CA ASP A 55 -16.28 -4.90 23.51
C ASP A 55 -16.05 -6.07 22.56
N HIS A 56 -16.76 -6.08 21.43
CA HIS A 56 -16.64 -7.18 20.48
C HIS A 56 -16.12 -6.79 19.12
N MET A 57 -15.94 -7.81 18.28
CA MET A 57 -15.46 -7.62 16.91
C MET A 57 -15.92 -8.81 16.07
N LEU A 58 -15.95 -8.61 14.76
CA LEU A 58 -16.33 -9.66 13.83
C LEU A 58 -15.06 -10.12 13.11
N THR A 59 -14.95 -11.42 12.88
CA THR A 59 -13.80 -11.98 12.18
C THR A 59 -14.27 -13.16 11.34
N VAL A 60 -13.76 -13.25 10.12
CA VAL A 60 -14.11 -14.34 9.23
C VAL A 60 -12.86 -14.78 8.46
N GLU A 61 -12.50 -16.05 8.65
CA GLU A 61 -11.33 -16.63 8.01
C GLU A 61 -11.65 -17.10 6.60
N TRP A 62 -10.63 -17.18 5.75
CA TRP A 62 -10.81 -17.66 4.38
C TRP A 62 -9.57 -18.38 3.87
N SER A 63 -9.79 -19.36 3.01
CA SER A 63 -8.69 -20.11 2.42
C SER A 63 -9.17 -20.49 1.03
N SER A 64 -8.25 -20.56 0.08
CA SER A 64 -8.65 -20.91 -1.29
C SER A 64 -9.06 -22.38 -1.33
N GLU A 65 -8.55 -23.15 -0.38
CA GLU A 65 -8.84 -24.58 -0.28
C GLU A 65 -10.22 -24.91 0.28
N PHE A 66 -10.58 -24.28 1.40
CA PHE A 66 -11.87 -24.54 2.03
C PHE A 66 -12.87 -23.39 1.88
N GLY A 67 -12.38 -22.26 1.38
CA GLY A 67 -13.26 -21.11 1.21
C GLY A 67 -13.54 -20.37 2.52
N TRP A 68 -14.65 -19.66 2.56
CA TRP A 68 -15.04 -18.92 3.75
C TRP A 68 -15.46 -19.80 4.92
N GLU A 69 -14.96 -19.47 6.10
CA GLU A 69 -15.31 -20.21 7.30
C GLU A 69 -16.54 -19.54 7.88
N LYS A 70 -17.00 -20.03 9.03
CA LYS A 70 -18.17 -19.44 9.68
C LYS A 70 -17.75 -18.15 10.37
N PRO A 71 -18.54 -17.08 10.20
CA PRO A 71 -18.20 -15.81 10.84
C PRO A 71 -18.34 -15.87 12.37
N HIS A 72 -17.52 -15.10 13.07
CA HIS A 72 -17.56 -15.05 14.52
C HIS A 72 -17.68 -13.63 15.03
N ILE A 73 -18.37 -13.48 16.16
CA ILE A 73 -18.51 -12.20 16.84
C ILE A 73 -17.94 -12.56 18.20
N LYS A 74 -16.76 -12.06 18.50
CA LYS A 74 -16.12 -12.42 19.77
C LYS A 74 -15.51 -11.20 20.45
N PRO A 75 -14.94 -11.39 21.64
CA PRO A 75 -14.35 -10.26 22.36
C PRO A 75 -13.23 -9.63 21.54
N LEU A 76 -13.12 -8.31 21.61
CA LEU A 76 -12.07 -7.60 20.90
C LEU A 76 -10.76 -8.20 21.36
N GLN A 77 -9.88 -8.54 20.41
CA GLN A 77 -8.61 -9.12 20.79
C GLN A 77 -7.59 -8.92 19.69
N ASN A 78 -6.32 -9.20 19.99
CA ASN A 78 -5.27 -9.07 19.00
C ASN A 78 -5.44 -10.10 17.90
N LEU A 79 -4.93 -9.78 16.72
CA LEU A 79 -4.96 -10.71 15.61
C LEU A 79 -3.67 -11.50 15.72
N SER A 80 -3.76 -12.81 15.57
CA SER A 80 -2.60 -13.68 15.63
C SER A 80 -2.26 -13.92 14.18
N LEU A 81 -1.23 -13.23 13.68
CA LEU A 81 -0.85 -13.33 12.27
C LEU A 81 0.55 -13.87 12.00
N HIS A 82 0.65 -14.70 10.96
CA HIS A 82 1.93 -15.25 10.55
C HIS A 82 2.77 -14.06 10.09
N PRO A 83 4.06 -14.04 10.47
CA PRO A 83 4.99 -12.96 10.10
C PRO A 83 5.09 -12.70 8.61
N GLY A 84 4.83 -13.73 7.81
CA GLY A 84 4.91 -13.55 6.37
C GLY A 84 3.64 -13.02 5.73
N SER A 85 2.59 -12.84 6.54
CA SER A 85 1.30 -12.35 6.02
C SER A 85 1.48 -11.24 5.00
N SER A 86 0.89 -11.46 3.82
CA SER A 86 0.99 -10.53 2.70
C SER A 86 0.50 -9.11 3.00
N ALA A 87 -0.34 -8.96 4.02
CA ALA A 87 -0.87 -7.66 4.38
C ALA A 87 0.23 -6.76 4.97
N LEU A 88 1.21 -7.39 5.61
CA LEU A 88 2.31 -6.68 6.24
C LEU A 88 3.46 -6.39 5.27
N HIS A 89 3.57 -7.20 4.23
CA HIS A 89 4.64 -7.05 3.25
C HIS A 89 4.26 -6.32 1.96
N TYR A 90 3.19 -6.79 1.33
CA TYR A 90 2.75 -6.23 0.08
C TYR A 90 1.43 -5.45 0.11
N ALA A 91 1.04 -4.97 1.28
CA ALA A 91 -0.19 -4.19 1.43
C ALA A 91 -1.44 -4.83 0.81
N VAL A 92 -1.55 -6.14 0.87
CA VAL A 92 -2.73 -6.79 0.33
C VAL A 92 -3.81 -6.53 1.38
N GLU A 93 -4.54 -5.42 1.22
CA GLU A 93 -5.55 -5.06 2.20
C GLU A 93 -6.49 -3.98 1.70
N LEU A 94 -7.58 -3.78 2.42
CA LEU A 94 -8.57 -2.75 2.08
C LEU A 94 -9.47 -2.55 3.28
N PHE A 95 -10.11 -1.39 3.34
CA PHE A 95 -11.01 -1.11 4.45
C PHE A 95 -12.23 -0.34 4.01
N GLU A 96 -13.10 -0.07 4.97
CA GLU A 96 -14.31 0.70 4.74
C GLU A 96 -14.57 1.53 5.98
N GLY A 97 -15.55 2.41 5.90
CA GLY A 97 -15.87 3.25 7.04
C GLY A 97 -17.27 3.80 6.95
N LEU A 98 -18.16 3.31 7.81
CA LEU A 98 -19.53 3.79 7.84
C LEU A 98 -19.91 4.04 9.29
N LYS A 99 -21.09 4.61 9.50
CA LYS A 99 -21.53 4.93 10.86
C LYS A 99 -22.93 4.48 11.25
N ALA A 100 -23.12 4.33 12.55
CA ALA A 100 -24.39 3.94 13.15
C ALA A 100 -24.79 5.11 14.05
N PHE A 101 -26.04 5.57 13.95
CA PHE A 101 -26.48 6.68 14.77
C PHE A 101 -27.69 6.37 15.64
N ARG A 102 -27.66 6.88 16.88
CA ARG A 102 -28.76 6.72 17.82
C ARG A 102 -29.66 7.90 17.53
N GLY A 103 -30.84 7.62 16.95
CA GLY A 103 -31.76 8.69 16.61
C GLY A 103 -32.42 9.44 17.75
N VAL A 104 -33.04 10.56 17.43
CA VAL A 104 -33.74 11.36 18.43
C VAL A 104 -34.86 10.50 19.00
N ASP A 105 -35.17 9.41 18.29
CA ASP A 105 -36.19 8.47 18.71
C ASP A 105 -35.52 7.28 19.39
N ASN A 106 -34.22 7.44 19.62
CA ASN A 106 -33.39 6.42 20.26
C ASN A 106 -33.30 5.14 19.43
N LYS A 107 -33.55 5.25 18.13
CA LYS A 107 -33.46 4.11 17.24
C LYS A 107 -32.08 4.17 16.57
N ILE A 108 -31.34 3.08 16.65
CA ILE A 108 -30.01 3.03 16.03
C ILE A 108 -30.16 2.85 14.52
N ARG A 109 -29.47 3.68 13.75
CA ARG A 109 -29.55 3.60 12.30
C ARG A 109 -28.19 3.56 11.62
N LEU A 110 -28.17 2.98 10.42
CA LEU A 110 -26.96 2.90 9.62
C LEU A 110 -27.24 3.80 8.42
N PHE A 111 -26.20 4.42 7.88
CA PHE A 111 -26.38 5.33 6.74
C PHE A 111 -25.83 4.75 5.45
N GLN A 112 -26.71 4.52 4.48
CA GLN A 112 -26.31 3.99 3.18
C GLN A 112 -25.28 2.86 3.27
N PRO A 113 -25.50 1.89 4.19
CA PRO A 113 -24.55 0.77 4.35
C PRO A 113 -24.33 0.01 3.04
N ASN A 114 -25.41 -0.20 2.30
CA ASN A 114 -25.32 -0.92 1.05
C ASN A 114 -24.31 -0.38 0.06
N LEU A 115 -24.02 0.91 0.12
CA LEU A 115 -23.04 1.48 -0.81
C LEU A 115 -21.63 1.10 -0.35
N ASN A 116 -21.42 1.03 0.96
CA ASN A 116 -20.13 0.65 1.50
C ASN A 116 -19.82 -0.80 1.13
N MET A 117 -20.85 -1.65 1.15
CA MET A 117 -20.66 -3.05 0.80
C MET A 117 -20.30 -3.18 -0.68
N ASP A 118 -20.89 -2.33 -1.51
CA ASP A 118 -20.59 -2.38 -2.93
C ASP A 118 -19.13 -1.98 -3.15
N ARG A 119 -18.74 -0.85 -2.58
CA ARG A 119 -17.39 -0.37 -2.71
C ARG A 119 -16.39 -1.40 -2.19
N MET A 120 -16.70 -1.97 -1.02
CA MET A 120 -15.80 -2.95 -0.42
C MET A 120 -15.63 -4.17 -1.33
N TYR A 121 -16.71 -4.55 -1.99
CA TYR A 121 -16.66 -5.69 -2.90
C TYR A 121 -15.76 -5.36 -4.08
N ARG A 122 -15.97 -4.19 -4.67
CA ARG A 122 -15.17 -3.75 -5.81
C ARG A 122 -13.69 -3.68 -5.42
N SER A 123 -13.42 -3.21 -4.21
CA SER A 123 -12.05 -3.10 -3.72
C SER A 123 -11.41 -4.49 -3.58
N ALA A 124 -12.20 -5.44 -3.09
CA ALA A 124 -11.72 -6.80 -2.91
C ALA A 124 -11.26 -7.37 -4.24
N VAL A 125 -12.11 -7.24 -5.26
CA VAL A 125 -11.80 -7.71 -6.59
C VAL A 125 -10.53 -7.07 -7.14
N ARG A 126 -10.40 -5.75 -6.95
CA ARG A 126 -9.23 -5.05 -7.44
C ARG A 126 -7.98 -5.36 -6.62
N ALA A 127 -8.15 -5.91 -5.43
CA ALA A 127 -7.02 -6.28 -4.58
C ALA A 127 -6.71 -7.77 -4.76
N THR A 128 -7.59 -8.47 -5.47
CA THR A 128 -7.51 -9.90 -5.73
C THR A 128 -7.82 -10.69 -4.46
N LEU A 129 -8.57 -10.06 -3.57
CA LEU A 129 -8.97 -10.73 -2.35
C LEU A 129 -10.28 -11.45 -2.69
N PRO A 130 -10.62 -12.50 -1.93
CA PRO A 130 -11.85 -13.26 -2.20
C PRO A 130 -13.17 -12.50 -2.08
N VAL A 131 -14.03 -12.68 -3.08
CA VAL A 131 -15.34 -12.02 -3.08
C VAL A 131 -16.24 -12.66 -2.03
N PHE A 132 -17.30 -11.94 -1.66
CA PHE A 132 -18.24 -12.41 -0.66
C PHE A 132 -19.63 -11.82 -0.93
N ASP A 133 -20.63 -12.32 -0.22
CA ASP A 133 -22.00 -11.83 -0.38
C ASP A 133 -22.24 -10.59 0.46
N LYS A 134 -22.50 -9.47 -0.20
CA LYS A 134 -22.72 -8.21 0.48
C LYS A 134 -23.81 -8.25 1.55
N GLU A 135 -24.95 -8.88 1.24
CA GLU A 135 -26.05 -8.98 2.21
C GLU A 135 -25.62 -9.68 3.49
N GLU A 136 -24.86 -10.75 3.35
CA GLU A 136 -24.39 -11.50 4.52
C GLU A 136 -23.48 -10.67 5.41
N LEU A 137 -22.53 -9.97 4.80
CA LEU A 137 -21.60 -9.15 5.56
C LEU A 137 -22.35 -8.08 6.32
N LEU A 138 -23.28 -7.41 5.63
CA LEU A 138 -24.06 -6.35 6.24
C LEU A 138 -24.85 -6.86 7.44
N GLU A 139 -25.46 -8.04 7.29
CA GLU A 139 -26.23 -8.61 8.39
C GLU A 139 -25.28 -8.96 9.54
N CYS A 140 -24.09 -9.45 9.21
CA CYS A 140 -23.12 -9.78 10.25
C CYS A 140 -22.74 -8.50 10.98
N ILE A 141 -22.63 -7.40 10.25
CA ILE A 141 -22.27 -6.13 10.87
C ILE A 141 -23.41 -5.71 11.78
N GLN A 142 -24.64 -5.78 11.26
CA GLN A 142 -25.82 -5.41 12.03
C GLN A 142 -25.92 -6.22 13.32
N GLN A 143 -25.48 -7.49 13.26
CA GLN A 143 -25.49 -8.36 14.44
C GLN A 143 -24.39 -7.90 15.40
N LEU A 144 -23.30 -7.38 14.85
CA LEU A 144 -22.17 -6.91 15.65
C LEU A 144 -22.55 -5.62 16.38
N VAL A 145 -23.16 -4.69 15.65
CA VAL A 145 -23.57 -3.42 16.21
C VAL A 145 -24.70 -3.63 17.24
N LYS A 146 -25.61 -4.55 16.93
CA LYS A 146 -26.73 -4.82 17.81
C LYS A 146 -26.22 -5.33 19.15
N LEU A 147 -25.23 -6.22 19.11
CA LEU A 147 -24.66 -6.78 20.32
C LEU A 147 -24.02 -5.69 21.16
N ASP A 148 -23.32 -4.78 20.50
CA ASP A 148 -22.66 -3.66 21.18
C ASP A 148 -23.39 -2.34 20.98
N GLN A 149 -24.72 -2.40 20.84
CA GLN A 149 -25.51 -1.19 20.60
C GLN A 149 -25.41 -0.14 21.68
N GLU A 150 -25.08 -0.54 22.90
CA GLU A 150 -24.95 0.43 23.99
C GLU A 150 -23.72 1.31 23.82
N TRP A 151 -22.85 0.99 22.87
CA TRP A 151 -21.65 1.79 22.62
C TRP A 151 -22.01 2.96 21.70
N VAL A 152 -23.06 2.77 20.89
CA VAL A 152 -23.51 3.83 19.99
C VAL A 152 -23.87 4.99 20.90
N PRO A 153 -23.02 6.03 20.92
CA PRO A 153 -23.17 7.25 21.72
C PRO A 153 -24.58 7.76 22.02
N TYR A 154 -24.73 8.35 23.19
CA TYR A 154 -25.98 8.94 23.62
C TYR A 154 -25.76 10.44 23.51
N SER A 155 -25.63 10.88 22.27
CA SER A 155 -25.41 12.28 21.94
C SER A 155 -25.84 12.44 20.50
N THR A 156 -26.36 13.61 20.14
CA THR A 156 -26.79 13.85 18.77
C THR A 156 -25.64 14.45 17.96
N SER A 157 -24.45 14.45 18.53
CA SER A 157 -23.26 14.98 17.87
C SER A 157 -22.13 13.95 17.85
N ALA A 158 -22.45 12.73 18.27
CA ALA A 158 -21.48 11.63 18.29
C ALA A 158 -22.12 10.41 17.63
N SER A 159 -21.29 9.41 17.32
CA SER A 159 -21.77 8.19 16.67
C SER A 159 -20.78 7.06 16.84
N LEU A 160 -21.05 5.94 16.17
CA LEU A 160 -20.18 4.78 16.26
C LEU A 160 -19.60 4.54 14.88
N TYR A 161 -18.27 4.53 14.81
CA TYR A 161 -17.58 4.31 13.54
C TYR A 161 -17.41 2.82 13.30
N ILE A 162 -17.79 2.38 12.10
CA ILE A 162 -17.68 0.97 11.72
C ILE A 162 -16.54 0.82 10.72
N ARG A 163 -15.53 0.07 11.12
CA ARG A 163 -14.35 -0.13 10.28
C ARG A 163 -14.20 -1.54 9.77
N PRO A 164 -14.81 -1.86 8.61
CA PRO A 164 -14.67 -3.20 8.06
C PRO A 164 -13.26 -3.26 7.50
N THR A 165 -12.57 -4.37 7.68
CA THR A 165 -11.21 -4.49 7.19
C THR A 165 -11.04 -5.87 6.60
N PHE A 166 -10.26 -5.96 5.52
CA PHE A 166 -10.06 -7.21 4.81
C PHE A 166 -8.56 -7.31 4.46
N ILE A 167 -7.85 -8.24 5.10
CA ILE A 167 -6.42 -8.39 4.84
C ILE A 167 -6.00 -9.75 4.31
N GLY A 168 -4.91 -9.77 3.56
CA GLY A 168 -4.40 -11.01 3.04
C GLY A 168 -3.47 -11.56 4.11
N THR A 169 -3.61 -12.86 4.42
CA THR A 169 -2.76 -13.48 5.43
C THR A 169 -1.91 -14.62 4.88
N GLU A 170 -1.64 -14.58 3.59
CA GLU A 170 -0.81 -15.58 2.92
C GLU A 170 0.56 -15.66 3.61
N PRO A 171 0.94 -16.84 4.12
CA PRO A 171 2.23 -16.98 4.79
C PRO A 171 3.45 -17.16 3.89
N SER A 172 3.49 -16.51 2.74
CA SER A 172 4.65 -16.64 1.84
C SER A 172 5.07 -15.29 1.28
N LEU A 173 6.38 -15.10 1.14
CA LEU A 173 6.95 -13.85 0.63
C LEU A 173 6.75 -13.61 -0.88
N GLY A 174 6.17 -14.58 -1.57
CA GLY A 174 5.94 -14.39 -2.99
C GLY A 174 4.87 -13.34 -3.21
N VAL A 175 5.16 -12.36 -4.06
CA VAL A 175 4.17 -11.33 -4.33
C VAL A 175 3.12 -11.92 -5.25
N LYS A 176 1.92 -12.17 -4.71
CA LYS A 176 0.84 -12.72 -5.52
C LYS A 176 -0.50 -12.86 -4.79
N LYS A 177 -1.54 -13.20 -5.56
CA LYS A 177 -2.88 -13.38 -5.02
C LYS A 177 -2.84 -14.27 -3.78
N PRO A 178 -3.38 -13.79 -2.64
CA PRO A 178 -3.39 -14.54 -1.40
C PRO A 178 -4.29 -15.77 -1.36
N THR A 179 -3.80 -16.85 -0.75
CA THR A 179 -4.53 -18.09 -0.62
C THR A 179 -5.14 -18.17 0.79
N LYS A 180 -4.96 -17.09 1.54
CA LYS A 180 -5.48 -17.00 2.89
C LYS A 180 -5.82 -15.55 3.14
N ALA A 181 -6.89 -15.31 3.88
CA ALA A 181 -7.33 -13.95 4.17
C ALA A 181 -8.20 -13.90 5.41
N LEU A 182 -8.27 -12.72 6.02
CA LEU A 182 -9.06 -12.48 7.21
C LEU A 182 -9.90 -11.21 7.03
N LEU A 183 -11.21 -11.34 7.25
CA LEU A 183 -12.14 -10.23 7.12
C LEU A 183 -12.57 -9.93 8.55
N PHE A 184 -12.42 -8.69 8.99
CA PHE A 184 -12.84 -8.38 10.36
C PHE A 184 -13.49 -7.02 10.44
N VAL A 185 -14.15 -6.74 11.55
CA VAL A 185 -14.83 -5.45 11.72
C VAL A 185 -14.70 -4.89 13.12
N LEU A 186 -14.20 -3.67 13.22
CA LEU A 186 -14.02 -3.02 14.50
C LEU A 186 -15.06 -1.92 14.68
N LEU A 187 -15.36 -1.61 15.94
CA LEU A 187 -16.31 -0.57 16.29
C LEU A 187 -15.61 0.42 17.21
N SER A 188 -15.73 1.70 16.91
CA SER A 188 -15.13 2.75 17.72
C SER A 188 -16.08 3.93 17.88
N PRO A 189 -16.49 4.24 19.12
CA PRO A 189 -17.39 5.38 19.29
C PRO A 189 -16.59 6.65 19.05
N VAL A 190 -17.17 7.60 18.32
CA VAL A 190 -16.48 8.85 18.03
C VAL A 190 -17.40 10.06 17.92
N GLY A 191 -16.78 11.22 17.83
CA GLY A 191 -17.49 12.48 17.67
C GLY A 191 -16.94 13.06 16.39
N PRO A 192 -16.10 14.11 16.47
CA PRO A 192 -15.49 14.74 15.29
C PRO A 192 -14.18 14.06 14.84
N TYR A 193 -13.83 14.26 13.57
CA TYR A 193 -12.62 13.66 12.99
C TYR A 193 -11.37 14.49 13.27
N PHE A 199 -18.07 24.54 12.98
CA PHE A 199 -17.35 23.81 11.90
C PHE A 199 -15.87 23.62 12.19
N ASN A 200 -15.19 24.73 12.48
CA ASN A 200 -13.76 24.71 12.75
C ASN A 200 -13.08 24.45 11.41
N PRO A 201 -12.97 25.48 10.56
CA PRO A 201 -12.35 25.36 9.24
C PRO A 201 -10.91 24.85 9.28
N VAL A 202 -10.45 24.33 8.14
CA VAL A 202 -9.10 23.80 8.02
C VAL A 202 -8.30 24.54 6.96
N SER A 203 -6.99 24.44 7.07
CA SER A 203 -6.07 25.06 6.13
C SER A 203 -5.36 23.94 5.37
N LEU A 204 -5.19 24.12 4.06
CA LEU A 204 -4.57 23.07 3.26
C LEU A 204 -3.17 23.38 2.78
N TRP A 205 -2.37 22.33 2.72
CA TRP A 205 -0.99 22.43 2.25
C TRP A 205 -0.98 21.84 0.85
N ALA A 206 -0.65 22.66 -0.14
CA ALA A 206 -0.64 22.21 -1.52
C ALA A 206 0.73 22.16 -2.16
N ASN A 207 1.33 20.97 -2.16
CA ASN A 207 2.65 20.77 -2.76
C ASN A 207 2.50 19.76 -3.90
N PRO A 208 2.60 20.22 -5.15
CA PRO A 208 2.46 19.35 -6.32
C PRO A 208 3.55 18.28 -6.52
N LYS A 209 4.55 18.27 -5.66
CA LYS A 209 5.62 17.28 -5.78
C LYS A 209 5.12 15.94 -5.28
N TYR A 210 4.06 15.97 -4.47
CA TYR A 210 3.48 14.75 -3.91
C TYR A 210 2.21 14.39 -4.67
N VAL A 211 2.13 13.15 -5.14
CA VAL A 211 0.96 12.70 -5.89
C VAL A 211 0.24 11.53 -5.22
N ARG A 212 -1.04 11.74 -4.92
CA ARG A 212 -1.86 10.72 -4.26
C ARG A 212 -2.21 9.55 -5.16
N ALA A 213 -2.85 9.81 -6.30
CA ALA A 213 -3.24 8.75 -7.21
C ALA A 213 -2.93 9.06 -8.66
N TRP A 214 -2.84 8.02 -9.48
CA TRP A 214 -2.52 8.17 -10.90
C TRP A 214 -3.48 7.33 -11.73
N LYS A 215 -3.67 7.73 -12.99
CA LYS A 215 -4.53 7.01 -13.94
C LYS A 215 -3.92 5.61 -14.12
N GLY A 216 -4.71 4.57 -13.90
CA GLY A 216 -4.18 3.23 -14.02
C GLY A 216 -3.77 2.69 -12.66
N GLY A 217 -3.96 3.52 -11.64
CA GLY A 217 -3.61 3.14 -10.29
C GLY A 217 -4.82 2.63 -9.53
N THR A 218 -4.81 2.78 -8.20
CA THR A 218 -5.90 2.29 -7.37
C THR A 218 -6.55 3.37 -6.52
N GLY A 219 -6.34 4.63 -6.89
CA GLY A 219 -6.90 5.73 -6.14
C GLY A 219 -8.41 5.73 -5.98
N ASP A 220 -9.11 4.99 -6.83
CA ASP A 220 -10.57 4.93 -6.75
C ASP A 220 -11.08 3.76 -5.93
N CYS A 221 -10.16 3.14 -5.19
CA CYS A 221 -10.51 2.03 -4.32
C CYS A 221 -9.98 2.38 -2.93
N LYS A 222 -10.57 1.79 -1.91
CA LYS A 222 -10.14 2.06 -0.54
C LYS A 222 -9.12 1.00 -0.10
N MET A 223 -8.01 0.93 -0.83
CA MET A 223 -6.95 -0.01 -0.54
C MET A 223 -5.89 0.71 0.28
N GLY A 224 -5.46 0.05 1.37
CA GLY A 224 -4.47 0.62 2.27
C GLY A 224 -3.24 1.21 1.60
N GLY A 225 -2.79 0.58 0.53
CA GLY A 225 -1.61 1.04 -0.19
C GLY A 225 -1.63 2.49 -0.62
N ASN A 226 -2.81 3.08 -0.77
CA ASN A 226 -2.92 4.47 -1.20
C ASN A 226 -2.83 5.43 -0.03
N TYR A 227 -2.71 4.91 1.19
CA TYR A 227 -2.67 5.78 2.35
C TYR A 227 -1.34 5.86 3.07
N GLY A 228 -0.61 4.76 3.14
CA GLY A 228 0.66 4.78 3.84
C GLY A 228 1.64 5.78 3.26
N SER A 229 1.60 5.92 1.93
CA SER A 229 2.49 6.82 1.23
C SER A 229 2.14 8.30 1.38
N SER A 230 1.03 8.60 2.07
CA SER A 230 0.62 9.99 2.25
C SER A 230 1.01 10.58 3.60
N LEU A 231 1.46 9.74 4.52
CA LEU A 231 1.84 10.20 5.86
C LEU A 231 2.96 11.25 5.86
N PHE A 232 3.90 11.12 4.94
CA PHE A 232 5.01 12.07 4.86
C PHE A 232 4.44 13.44 4.50
N ALA A 233 3.53 13.46 3.53
CA ALA A 233 2.90 14.69 3.08
C ALA A 233 2.08 15.32 4.20
N GLN A 234 1.33 14.49 4.92
CA GLN A 234 0.48 14.96 6.01
C GLN A 234 1.34 15.59 7.11
N CYS A 235 2.52 15.00 7.37
CA CYS A 235 3.43 15.52 8.39
C CYS A 235 3.96 16.86 7.98
N GLU A 236 4.37 16.96 6.71
CA GLU A 236 4.88 18.20 6.18
C GLU A 236 3.77 19.26 6.28
N ALA A 237 2.53 18.82 6.13
CA ALA A 237 1.40 19.74 6.20
C ALA A 237 1.32 20.35 7.60
N VAL A 238 1.32 19.50 8.63
CA VAL A 238 1.23 19.99 10.01
C VAL A 238 2.49 20.78 10.33
N ASP A 239 3.56 20.52 9.58
CA ASP A 239 4.83 21.21 9.76
C ASP A 239 4.71 22.66 9.31
N ASN A 240 3.67 22.96 8.53
CA ASN A 240 3.47 24.30 8.03
C ASN A 240 2.16 24.91 8.49
N GLY A 241 1.66 24.46 9.63
CA GLY A 241 0.41 24.99 10.17
C GLY A 241 -0.88 24.52 9.53
N CYS A 242 -0.79 23.60 8.59
CA CYS A 242 -1.98 23.08 7.92
C CYS A 242 -2.52 21.82 8.61
N GLN A 243 -3.83 21.63 8.54
CA GLN A 243 -4.47 20.48 9.16
C GLN A 243 -4.60 19.31 8.18
N GLN A 244 -4.52 19.61 6.88
CA GLN A 244 -4.67 18.60 5.84
C GLN A 244 -3.88 18.88 4.57
N VAL A 245 -3.87 17.90 3.67
CA VAL A 245 -3.16 17.99 2.40
C VAL A 245 -4.10 18.18 1.22
N LEU A 246 -3.80 19.14 0.36
CA LEU A 246 -4.59 19.36 -0.85
C LEU A 246 -3.88 18.62 -1.97
N TRP A 247 -4.45 17.49 -2.39
CA TRP A 247 -3.84 16.68 -3.43
C TRP A 247 -3.98 17.21 -4.85
N LEU A 248 -2.83 17.55 -5.44
CA LEU A 248 -2.80 18.11 -6.79
C LEU A 248 -2.36 17.07 -7.83
N TYR A 249 -2.91 17.19 -9.04
CA TYR A 249 -2.59 16.26 -10.12
C TYR A 249 -2.41 16.88 -11.50
N GLY A 250 -1.40 16.39 -12.22
CA GLY A 250 -1.14 16.84 -13.58
C GLY A 250 -0.49 18.19 -13.80
N GLU A 251 -0.12 18.43 -15.06
CA GLU A 251 0.51 19.68 -15.48
C GLU A 251 -0.34 20.90 -15.13
N ASP A 252 -1.65 20.72 -15.16
CA ASP A 252 -2.55 21.81 -14.86
C ASP A 252 -2.90 21.91 -13.36
N HIS A 253 -2.19 21.13 -12.56
CA HIS A 253 -2.39 21.13 -11.11
C HIS A 253 -3.86 21.05 -10.71
N GLN A 254 -4.53 19.99 -11.14
CA GLN A 254 -5.94 19.82 -10.81
C GLN A 254 -6.09 19.59 -9.32
N ILE A 255 -7.17 20.12 -8.74
CA ILE A 255 -7.47 19.94 -7.33
C ILE A 255 -8.31 18.67 -7.28
N THR A 256 -7.86 17.65 -6.56
CA THR A 256 -8.61 16.40 -6.52
C THR A 256 -9.30 16.11 -5.22
N GLU A 257 -8.53 15.95 -4.16
CA GLU A 257 -9.11 15.65 -2.86
C GLU A 257 -8.46 16.39 -1.71
N VAL A 258 -9.20 16.49 -0.60
CA VAL A 258 -8.73 17.17 0.60
C VAL A 258 -8.35 16.11 1.61
N GLY A 259 -7.07 15.76 1.67
CA GLY A 259 -6.65 14.72 2.60
C GLY A 259 -7.40 13.45 2.22
N THR A 260 -8.17 12.90 3.17
CA THR A 260 -8.94 11.68 2.92
C THR A 260 -10.41 12.01 2.60
N MET A 261 -10.67 13.20 2.07
CA MET A 261 -12.04 13.61 1.76
C MET A 261 -12.20 14.17 0.35
N ASN A 262 -13.41 14.04 -0.19
CA ASN A 262 -13.68 14.56 -1.52
C ASN A 262 -13.84 16.06 -1.38
N LEU A 263 -13.46 16.78 -2.44
CA LEU A 263 -13.49 18.23 -2.45
C LEU A 263 -14.64 18.85 -3.24
N PHE A 264 -15.32 19.81 -2.62
CA PHE A 264 -16.42 20.51 -3.27
C PHE A 264 -16.12 22.00 -3.32
N LEU A 265 -16.43 22.63 -4.46
CA LEU A 265 -16.23 24.06 -4.64
C LEU A 265 -17.54 24.70 -5.04
N TYR A 266 -18.04 25.60 -4.20
CA TYR A 266 -19.30 26.30 -4.46
C TYR A 266 -18.92 27.71 -4.89
N TRP A 267 -19.02 28.00 -6.18
CA TRP A 267 -18.65 29.29 -6.70
C TRP A 267 -19.57 29.73 -7.84
N ILE A 268 -19.14 30.78 -8.52
CA ILE A 268 -19.80 31.31 -9.69
C ILE A 268 -18.81 30.89 -10.78
N ASN A 269 -19.22 29.96 -11.64
CA ASN A 269 -18.32 29.48 -12.69
C ASN A 269 -17.96 30.53 -13.73
N GLU A 270 -17.13 30.12 -14.68
CA GLU A 270 -16.67 31.01 -15.73
C GLU A 270 -17.81 31.63 -16.54
N ASP A 271 -18.98 31.03 -16.47
CA ASP A 271 -20.14 31.53 -17.21
C ASP A 271 -21.07 32.39 -16.37
N GLY A 272 -20.58 32.83 -15.22
CA GLY A 272 -21.38 33.67 -14.34
C GLY A 272 -22.55 32.94 -13.71
N GLU A 273 -22.47 31.62 -13.64
CA GLU A 273 -23.56 30.85 -13.05
C GLU A 273 -23.20 30.25 -11.69
N GLU A 274 -24.15 30.29 -10.77
CA GLU A 274 -23.99 29.73 -9.44
C GLU A 274 -23.72 28.23 -9.66
N GLU A 275 -22.63 27.70 -9.09
CA GLU A 275 -22.28 26.30 -9.31
C GLU A 275 -21.69 25.53 -8.11
N LEU A 276 -22.05 24.25 -8.03
CA LEU A 276 -21.53 23.36 -6.99
C LEU A 276 -20.76 22.30 -7.78
N ALA A 277 -19.43 22.46 -7.82
CA ALA A 277 -18.57 21.55 -8.57
C ALA A 277 -17.70 20.64 -7.69
N THR A 278 -17.24 19.54 -8.29
CA THR A 278 -16.41 18.56 -7.61
C THR A 278 -15.77 17.73 -8.72
N PRO A 279 -14.46 17.38 -8.57
CA PRO A 279 -13.76 16.59 -9.57
C PRO A 279 -14.51 15.31 -9.96
N PRO A 280 -14.47 14.96 -11.25
CA PRO A 280 -15.15 13.77 -11.78
C PRO A 280 -14.47 12.45 -11.38
N LEU A 281 -15.22 11.35 -11.44
CA LEU A 281 -14.68 10.05 -11.11
C LEU A 281 -13.94 9.50 -12.34
N ASP A 282 -12.73 10.01 -12.59
CA ASP A 282 -11.96 9.57 -13.74
C ASP A 282 -10.79 8.66 -13.37
N GLY A 283 -10.85 8.06 -12.19
CA GLY A 283 -9.80 7.15 -11.77
C GLY A 283 -8.97 7.58 -10.57
N ILE A 284 -8.75 8.88 -10.43
CA ILE A 284 -7.95 9.38 -9.32
C ILE A 284 -8.74 9.92 -8.13
N ILE A 285 -10.07 9.81 -8.19
CA ILE A 285 -10.92 10.28 -7.10
C ILE A 285 -11.69 9.12 -6.50
N LEU A 286 -11.62 8.95 -5.18
CA LEU A 286 -12.35 7.88 -4.54
C LEU A 286 -13.82 8.28 -4.43
N PRO A 287 -14.71 7.44 -4.97
CA PRO A 287 -16.15 7.74 -4.92
C PRO A 287 -16.71 7.63 -3.51
N GLY A 288 -16.73 8.75 -2.80
CA GLY A 288 -17.22 8.76 -1.44
C GLY A 288 -18.73 8.66 -1.32
N VAL A 289 -19.19 8.07 -0.22
CA VAL A 289 -20.61 7.92 0.03
C VAL A 289 -21.23 9.30 0.34
N THR A 290 -20.43 10.17 0.95
CA THR A 290 -20.92 11.51 1.27
C THR A 290 -20.97 12.35 0.02
N ARG A 291 -20.01 12.11 -0.87
CA ARG A 291 -19.91 12.82 -2.13
C ARG A 291 -21.18 12.53 -2.95
N ARG A 292 -21.57 11.27 -2.98
CA ARG A 292 -22.75 10.84 -3.72
C ARG A 292 -23.98 11.54 -3.15
N CYS A 293 -24.17 11.43 -1.85
CA CYS A 293 -25.30 12.03 -1.17
C CYS A 293 -25.40 13.53 -1.42
N ILE A 294 -24.29 14.23 -1.26
CA ILE A 294 -24.27 15.68 -1.48
C ILE A 294 -24.70 16.01 -2.91
N LEU A 295 -24.24 15.22 -3.86
CA LEU A 295 -24.59 15.44 -5.27
C LEU A 295 -26.08 15.16 -5.48
N ASP A 296 -26.60 14.17 -4.79
CA ASP A 296 -28.01 13.82 -4.92
C ASP A 296 -28.89 14.88 -4.30
N LEU A 297 -28.49 15.41 -3.13
CA LEU A 297 -29.27 16.47 -2.51
C LEU A 297 -29.17 17.72 -3.39
N ALA A 298 -27.98 17.96 -3.94
CA ALA A 298 -27.76 19.13 -4.78
C ALA A 298 -28.59 19.08 -6.07
N HIS A 299 -28.77 17.89 -6.62
CA HIS A 299 -29.56 17.74 -7.85
C HIS A 299 -31.03 17.89 -7.50
N GLN A 300 -31.44 17.22 -6.43
CA GLN A 300 -32.81 17.26 -5.96
C GLN A 300 -33.33 18.69 -5.80
N TRP A 301 -32.61 19.51 -5.02
CA TRP A 301 -33.01 20.91 -4.80
C TRP A 301 -33.16 21.68 -6.11
N GLY A 302 -32.26 21.42 -7.05
CA GLY A 302 -32.30 22.11 -8.33
C GLY A 302 -32.27 23.62 -8.21
N GLU A 303 -31.45 24.13 -7.30
CA GLU A 303 -31.33 25.57 -7.10
C GLU A 303 -30.15 26.20 -7.82
N PHE A 304 -29.22 25.36 -8.26
CA PHE A 304 -28.06 25.85 -8.98
C PHE A 304 -27.45 24.71 -9.76
N LYS A 305 -26.49 25.04 -10.61
CA LYS A 305 -25.82 24.04 -11.43
C LYS A 305 -24.95 23.10 -10.60
N VAL A 306 -24.99 21.82 -10.95
CA VAL A 306 -24.20 20.79 -10.29
C VAL A 306 -23.29 20.19 -11.33
N SER A 307 -21.98 20.34 -11.15
CA SER A 307 -21.05 19.83 -12.14
C SER A 307 -19.89 19.00 -11.60
N GLU A 308 -19.73 17.81 -12.19
CA GLU A 308 -18.62 16.94 -11.82
C GLU A 308 -17.59 17.23 -12.90
N ARG A 309 -16.71 18.19 -12.64
CA ARG A 309 -15.69 18.57 -13.62
C ARG A 309 -14.32 18.86 -13.04
N TYR A 310 -13.38 19.14 -13.93
CA TYR A 310 -12.00 19.43 -13.56
C TYR A 310 -11.83 20.84 -12.99
N LEU A 311 -11.11 20.94 -11.88
CA LEU A 311 -10.84 22.19 -11.19
C LEU A 311 -9.35 22.31 -10.94
N THR A 312 -8.76 23.43 -11.32
CA THR A 312 -7.32 23.63 -11.12
C THR A 312 -7.07 24.75 -10.13
N MET A 313 -5.81 24.96 -9.78
CA MET A 313 -5.47 26.04 -8.84
C MET A 313 -5.74 27.35 -9.56
N ASP A 314 -5.41 27.40 -10.84
CA ASP A 314 -5.63 28.60 -11.62
C ASP A 314 -7.12 28.94 -11.67
N ASP A 315 -7.98 27.94 -11.84
CA ASP A 315 -9.41 28.20 -11.86
C ASP A 315 -9.75 28.81 -10.50
N LEU A 316 -9.18 28.22 -9.45
CA LEU A 316 -9.42 28.70 -8.10
C LEU A 316 -8.94 30.14 -7.93
N THR A 317 -7.66 30.39 -8.20
CA THR A 317 -7.10 31.73 -8.07
C THR A 317 -7.79 32.78 -8.94
N THR A 318 -8.02 32.45 -10.21
CA THR A 318 -8.69 33.38 -11.11
C THR A 318 -10.06 33.75 -10.53
N ALA A 319 -10.74 32.74 -9.97
CA ALA A 319 -12.05 32.97 -9.39
C ALA A 319 -11.96 33.85 -8.15
N LEU A 320 -10.97 33.62 -7.31
CA LEU A 320 -10.80 34.41 -6.09
C LEU A 320 -10.58 35.89 -6.40
N GLU A 321 -9.64 36.17 -7.32
CA GLU A 321 -9.36 37.53 -7.71
C GLU A 321 -10.49 38.05 -8.59
N GLY A 322 -11.71 37.72 -8.16
CA GLY A 322 -12.91 38.12 -8.88
C GLY A 322 -14.09 37.97 -7.94
N ASN A 323 -13.80 37.54 -6.71
CA ASN A 323 -14.83 37.36 -5.69
C ASN A 323 -15.89 36.34 -6.14
N ARG A 324 -15.50 35.41 -6.99
CA ARG A 324 -16.42 34.41 -7.51
C ARG A 324 -16.63 33.22 -6.56
N VAL A 325 -15.65 32.97 -5.70
CA VAL A 325 -15.73 31.85 -4.77
C VAL A 325 -16.60 32.14 -3.55
N ARG A 326 -17.36 31.13 -3.14
CA ARG A 326 -18.27 31.25 -2.01
C ARG A 326 -17.88 30.31 -0.86
N GLU A 327 -17.74 29.02 -1.18
CA GLU A 327 -17.40 28.03 -0.18
C GLU A 327 -16.59 26.89 -0.76
N MET A 328 -15.74 26.31 0.07
CA MET A 328 -14.94 25.17 -0.32
C MET A 328 -14.98 24.26 0.89
N PHE A 329 -15.21 22.97 0.68
CA PHE A 329 -15.24 22.07 1.82
C PHE A 329 -14.99 20.62 1.43
N GLY A 330 -14.51 19.84 2.39
CA GLY A 330 -14.25 18.44 2.16
C GLY A 330 -15.43 17.65 2.70
N SER A 331 -15.65 16.44 2.16
CA SER A 331 -16.75 15.61 2.60
C SER A 331 -16.25 14.19 2.86
N GLY A 332 -16.83 13.54 3.86
CA GLY A 332 -16.42 12.18 4.20
C GLY A 332 -17.21 11.66 5.39
N THR A 333 -17.13 10.37 5.64
CA THR A 333 -17.87 9.80 6.76
C THR A 333 -17.48 10.39 8.11
N ALA A 334 -16.19 10.64 8.30
CA ALA A 334 -15.68 11.20 9.55
C ALA A 334 -16.04 12.66 9.80
N CYS A 335 -16.00 13.49 8.76
CA CYS A 335 -16.33 14.89 8.95
C CYS A 335 -17.67 15.33 8.35
N VAL A 336 -18.15 14.61 7.35
CA VAL A 336 -19.42 14.94 6.69
C VAL A 336 -19.21 16.17 5.81
N VAL A 337 -19.07 17.32 6.47
CA VAL A 337 -18.83 18.60 5.78
C VAL A 337 -17.67 19.25 6.54
N CYS A 338 -16.59 19.56 5.82
CA CYS A 338 -15.41 20.16 6.43
C CYS A 338 -14.94 21.39 5.68
N PRO A 339 -15.37 22.58 6.12
CA PRO A 339 -15.01 23.86 5.50
C PRO A 339 -13.51 24.10 5.40
N VAL A 340 -13.09 24.63 4.26
CA VAL A 340 -11.69 24.96 4.01
C VAL A 340 -11.60 26.49 3.99
N SER A 341 -10.63 27.06 4.70
CA SER A 341 -10.49 28.51 4.74
C SER A 341 -9.21 29.05 4.11
N ASP A 342 -8.18 28.20 4.00
CA ASP A 342 -6.90 28.63 3.43
C ASP A 342 -6.13 27.51 2.75
N ILE A 343 -5.40 27.86 1.71
CA ILE A 343 -4.58 26.93 0.96
C ILE A 343 -3.17 27.51 0.87
N LEU A 344 -2.17 26.75 1.32
CA LEU A 344 -0.78 27.21 1.25
C LEU A 344 -0.19 26.65 -0.04
N TYR A 345 0.01 27.55 -0.99
CA TYR A 345 0.49 27.20 -2.32
C TYR A 345 1.61 28.12 -2.76
N LYS A 346 2.72 27.54 -3.18
CA LYS A 346 3.87 28.32 -3.63
C LYS A 346 4.26 29.41 -2.63
N GLY A 347 4.43 29.03 -1.37
CA GLY A 347 4.83 29.97 -0.33
C GLY A 347 3.82 31.05 0.02
N GLU A 348 2.74 31.09 -0.74
CA GLU A 348 1.70 32.10 -0.52
C GLU A 348 0.46 31.48 0.14
N THR A 349 -0.07 32.15 1.16
CA THR A 349 -1.25 31.69 1.86
C THR A 349 -2.46 32.25 1.14
N ILE A 350 -3.25 31.38 0.53
CA ILE A 350 -4.44 31.79 -0.21
C ILE A 350 -5.71 31.59 0.60
N HIS A 351 -6.34 32.68 1.01
CA HIS A 351 -7.56 32.59 1.81
C HIS A 351 -8.80 32.36 0.96
N ILE A 352 -9.66 31.46 1.45
CA ILE A 352 -10.92 31.11 0.81
C ILE A 352 -11.99 31.62 1.77
N PRO A 353 -12.90 32.49 1.28
CA PRO A 353 -13.99 33.10 2.05
C PRO A 353 -15.11 32.18 2.49
N THR A 354 -14.82 30.89 2.60
CA THR A 354 -15.85 29.96 3.02
C THR A 354 -16.62 30.43 4.24
N MET A 355 -15.94 30.63 5.36
CA MET A 355 -16.59 31.06 6.60
C MET A 355 -17.27 32.43 6.55
N GLU A 356 -16.75 33.34 5.73
CA GLU A 356 -17.34 34.66 5.64
C GLU A 356 -18.65 34.65 4.84
N ASN A 357 -18.91 33.54 4.15
CA ASN A 357 -20.14 33.41 3.38
C ASN A 357 -21.08 32.42 4.03
N GLY A 358 -21.06 32.36 5.36
CA GLY A 358 -21.93 31.43 6.06
C GLY A 358 -21.18 30.49 6.99
N PRO A 359 -20.78 29.30 6.51
CA PRO A 359 -20.98 28.78 5.16
C PRO A 359 -22.43 28.29 4.95
N LYS A 360 -23.16 28.97 4.06
CA LYS A 360 -24.55 28.64 3.77
C LYS A 360 -24.78 27.22 3.26
N LEU A 361 -24.23 26.89 2.11
CA LEU A 361 -24.40 25.55 1.54
C LEU A 361 -23.90 24.48 2.50
N ALA A 362 -22.66 24.63 2.94
CA ALA A 362 -22.02 23.68 3.85
C ALA A 362 -22.87 23.39 5.07
N SER A 363 -23.43 24.44 5.67
CA SER A 363 -24.28 24.27 6.85
C SER A 363 -25.57 23.55 6.46
N ARG A 364 -26.19 24.00 5.37
CA ARG A 364 -27.45 23.40 4.90
C ARG A 364 -27.24 21.90 4.62
N ILE A 365 -26.10 21.57 4.03
CA ILE A 365 -25.79 20.17 3.71
C ILE A 365 -25.58 19.37 4.99
N LEU A 366 -24.92 19.99 5.97
CA LEU A 366 -24.66 19.32 7.24
C LEU A 366 -25.99 19.01 7.94
N SER A 367 -26.89 19.98 7.99
CA SER A 367 -28.19 19.81 8.63
C SER A 367 -28.99 18.69 7.97
N LYS A 368 -29.01 18.69 6.64
CA LYS A 368 -29.74 17.69 5.89
C LYS A 368 -29.27 16.26 6.24
N LEU A 369 -27.97 16.02 6.07
CA LEU A 369 -27.39 14.72 6.36
C LEU A 369 -27.56 14.34 7.83
N THR A 370 -27.28 15.29 8.72
CA THR A 370 -27.40 15.03 10.16
C THR A 370 -28.85 14.69 10.52
N ASP A 371 -29.80 15.38 9.89
CA ASP A 371 -31.21 15.13 10.16
C ASP A 371 -31.58 13.73 9.71
N ILE A 372 -31.09 13.35 8.53
CA ILE A 372 -31.36 12.04 7.98
C ILE A 372 -30.70 10.94 8.81
N GLN A 373 -29.46 11.19 9.23
CA GLN A 373 -28.71 10.21 10.01
C GLN A 373 -29.28 9.97 11.41
N TYR A 374 -29.71 11.04 12.09
CA TYR A 374 -30.24 10.87 13.44
C TYR A 374 -31.76 10.62 13.52
N GLY A 375 -32.36 10.32 12.37
CA GLY A 375 -33.78 10.00 12.34
C GLY A 375 -34.78 11.14 12.50
N ARG A 376 -34.32 12.39 12.37
CA ARG A 376 -35.23 13.52 12.49
C ARG A 376 -36.00 13.66 11.17
N GLU A 377 -35.48 13.01 10.14
CA GLU A 377 -36.11 13.04 8.82
C GLU A 377 -36.09 11.63 8.25
N GLU A 378 -37.21 11.19 7.71
CA GLU A 378 -37.33 9.86 7.13
C GLU A 378 -36.84 9.84 5.69
N ARG A 379 -36.11 8.79 5.33
CA ARG A 379 -35.59 8.66 3.98
C ARG A 379 -35.07 7.24 3.74
N ASP A 380 -34.95 6.87 2.46
CA ASP A 380 -34.47 5.54 2.08
C ASP A 380 -32.97 5.38 2.27
N TRP A 381 -32.30 6.41 2.78
CA TRP A 381 -30.86 6.33 2.99
C TRP A 381 -30.43 5.59 4.25
N THR A 382 -31.31 5.45 5.23
CA THR A 382 -30.95 4.76 6.46
C THR A 382 -31.75 3.48 6.68
N ILE A 383 -31.19 2.60 7.50
CA ILE A 383 -31.82 1.32 7.84
C ILE A 383 -31.82 1.20 9.37
N VAL A 384 -32.78 0.45 9.92
CA VAL A 384 -32.87 0.30 11.36
C VAL A 384 -33.15 -1.13 11.76
N LEU A 385 -32.40 -1.64 12.74
CA LEU A 385 -32.61 -2.99 13.23
C LEU A 385 -33.04 -2.91 14.69
N THR B 24 17.81 4.46 19.47
CA THR B 24 18.03 3.20 18.70
C THR B 24 18.41 2.00 19.57
N PHE B 25 17.91 0.83 19.18
CA PHE B 25 18.22 -0.39 19.89
C PHE B 25 19.70 -0.74 19.63
N LYS B 26 20.24 -1.63 20.45
CA LYS B 26 21.64 -2.03 20.33
C LYS B 26 21.80 -3.54 20.26
N ALA B 27 22.56 -4.01 19.28
CA ALA B 27 22.81 -5.45 19.14
C ALA B 27 23.33 -6.00 20.46
N LYS B 28 24.16 -5.20 21.13
CA LYS B 28 24.73 -5.60 22.40
C LYS B 28 23.65 -6.03 23.39
N ASP B 29 22.44 -5.50 23.24
CA ASP B 29 21.35 -5.85 24.14
C ASP B 29 20.50 -7.02 23.70
N LEU B 30 20.91 -7.73 22.65
CA LEU B 30 20.12 -8.87 22.18
C LEU B 30 19.77 -9.86 23.29
N ILE B 31 18.53 -10.29 23.30
CA ILE B 31 18.05 -11.28 24.26
C ILE B 31 17.66 -12.47 23.38
N VAL B 32 18.37 -13.58 23.58
CA VAL B 32 18.18 -14.79 22.79
C VAL B 32 17.39 -15.92 23.43
N THR B 33 16.25 -16.24 22.82
CA THR B 33 15.38 -17.32 23.29
C THR B 33 15.39 -18.41 22.23
N PRO B 34 16.39 -19.30 22.29
CA PRO B 34 16.49 -20.39 21.31
C PRO B 34 15.29 -21.33 21.33
N ALA B 35 14.94 -21.86 20.16
CA ALA B 35 13.82 -22.79 20.05
C ALA B 35 14.10 -24.09 20.78
N THR B 36 13.03 -24.74 21.25
CA THR B 36 13.11 -26.00 21.97
C THR B 36 13.30 -27.15 21.01
N ILE B 37 12.57 -27.09 19.90
CA ILE B 37 12.63 -28.12 18.88
C ILE B 37 13.04 -27.44 17.57
N LEU B 38 14.05 -28.01 16.91
CA LEU B 38 14.51 -27.45 15.64
C LEU B 38 13.88 -28.23 14.48
N LYS B 39 13.47 -27.50 13.45
CA LYS B 39 12.85 -28.11 12.28
C LYS B 39 13.97 -28.65 11.41
N GLU B 40 13.66 -29.59 10.53
CA GLU B 40 14.71 -30.13 9.67
C GLU B 40 14.79 -29.31 8.38
N LYS B 41 16.00 -29.15 7.85
CA LYS B 41 16.22 -28.38 6.64
C LYS B 41 15.58 -29.01 5.40
N PRO B 42 15.12 -28.17 4.47
CA PRO B 42 14.49 -28.64 3.24
C PRO B 42 15.53 -29.08 2.22
N ASP B 43 15.06 -29.68 1.13
CA ASP B 43 15.94 -30.11 0.05
C ASP B 43 16.28 -28.84 -0.72
N PRO B 44 17.58 -28.52 -0.86
CA PRO B 44 18.01 -27.32 -1.58
C PRO B 44 17.75 -27.38 -3.08
N ASN B 45 17.14 -28.46 -3.55
CA ASN B 45 16.85 -28.64 -4.98
C ASN B 45 15.39 -28.39 -5.33
N ASN B 46 14.50 -28.46 -4.36
CA ASN B 46 13.07 -28.23 -4.60
C ASN B 46 12.52 -27.13 -3.69
N LEU B 47 13.10 -25.94 -3.77
CA LEU B 47 12.66 -24.83 -2.95
C LEU B 47 11.74 -23.83 -3.67
N VAL B 48 10.59 -23.57 -3.07
CA VAL B 48 9.63 -22.62 -3.62
C VAL B 48 9.85 -21.32 -2.86
N PHE B 49 10.34 -20.31 -3.57
CA PHE B 49 10.64 -19.02 -2.99
C PHE B 49 9.74 -18.56 -1.85
N GLY B 50 10.37 -18.16 -0.76
CA GLY B 50 9.67 -17.63 0.41
C GLY B 50 8.53 -18.40 1.04
N THR B 51 8.58 -19.73 1.01
CA THR B 51 7.51 -20.52 1.62
C THR B 51 8.00 -21.28 2.83
N VAL B 52 9.30 -21.49 2.94
CA VAL B 52 9.86 -22.20 4.09
C VAL B 52 10.59 -21.18 4.97
N PHE B 53 10.38 -21.26 6.28
CA PHE B 53 11.03 -20.33 7.19
C PHE B 53 11.88 -21.05 8.22
N THR B 54 12.97 -20.40 8.62
CA THR B 54 13.90 -20.96 9.59
C THR B 54 13.33 -21.02 11.00
N ASP B 55 14.15 -21.46 11.95
CA ASP B 55 13.72 -21.61 13.33
C ASP B 55 13.51 -20.33 14.13
N HIS B 56 14.24 -19.28 13.80
CA HIS B 56 14.16 -18.02 14.54
C HIS B 56 13.88 -16.78 13.72
N MET B 57 13.60 -15.69 14.43
CA MET B 57 13.32 -14.40 13.83
C MET B 57 13.82 -13.32 14.78
N LEU B 58 13.96 -12.11 14.26
CA LEU B 58 14.39 -10.98 15.06
C LEU B 58 13.19 -10.06 15.28
N THR B 59 13.04 -9.52 16.48
CA THR B 59 11.94 -8.62 16.78
C THR B 59 12.39 -7.46 17.65
N VAL B 60 11.96 -6.26 17.27
CA VAL B 60 12.28 -5.06 18.02
C VAL B 60 11.04 -4.17 18.06
N GLU B 61 10.53 -3.95 19.26
CA GLU B 61 9.35 -3.14 19.47
C GLU B 61 9.72 -1.67 19.65
N TRP B 62 8.94 -0.79 19.03
CA TRP B 62 9.16 0.65 19.19
C TRP B 62 7.91 1.36 19.69
N SER B 63 8.11 2.37 20.52
CA SER B 63 6.99 3.14 21.04
C SER B 63 7.41 4.60 21.06
N SER B 64 6.50 5.47 20.65
CA SER B 64 6.77 6.89 20.64
C SER B 64 7.18 7.39 22.03
N GLU B 65 6.49 6.94 23.06
CA GLU B 65 6.77 7.37 24.41
C GLU B 65 8.07 6.83 25.00
N PHE B 66 8.44 5.59 24.69
CA PHE B 66 9.66 5.03 25.26
C PHE B 66 10.80 4.81 24.28
N GLY B 67 10.50 4.82 22.99
CA GLY B 67 11.53 4.60 22.00
C GLY B 67 11.63 3.11 21.75
N TRP B 68 12.78 2.66 21.28
CA TRP B 68 13.00 1.24 20.99
C TRP B 68 13.23 0.37 22.22
N GLU B 69 12.62 -0.80 22.22
CA GLU B 69 12.81 -1.77 23.29
C GLU B 69 14.05 -2.55 22.87
N LYS B 70 14.47 -3.51 23.71
CA LYS B 70 15.63 -4.31 23.37
C LYS B 70 15.23 -5.32 22.30
N PRO B 71 16.16 -5.65 21.39
CA PRO B 71 15.92 -6.60 20.30
C PRO B 71 15.93 -8.07 20.75
N HIS B 72 15.07 -8.86 20.13
CA HIS B 72 14.98 -10.27 20.46
C HIS B 72 15.16 -11.19 19.25
N ILE B 73 15.79 -12.33 19.50
CA ILE B 73 15.97 -13.35 18.48
C ILE B 73 15.25 -14.48 19.19
N LYS B 74 14.06 -14.79 18.73
CA LYS B 74 13.26 -15.83 19.35
C LYS B 74 12.69 -16.78 18.30
N PRO B 75 12.07 -17.88 18.74
CA PRO B 75 11.53 -18.80 17.74
C PRO B 75 10.45 -18.21 16.85
N LEU B 76 10.48 -18.62 15.59
CA LEU B 76 9.51 -18.16 14.61
C LEU B 76 8.10 -18.40 15.14
N GLN B 77 7.38 -17.31 15.39
CA GLN B 77 6.01 -17.41 15.89
C GLN B 77 5.16 -16.34 15.22
N ASN B 78 3.85 -16.40 15.44
CA ASN B 78 2.93 -15.43 14.87
C ASN B 78 3.06 -14.09 15.58
N LEU B 79 2.75 -13.02 14.85
CA LEU B 79 2.81 -11.68 15.43
C LEU B 79 1.43 -11.41 16.03
N SER B 80 1.42 -10.91 17.26
CA SER B 80 0.17 -10.59 17.94
C SER B 80 0.01 -9.08 17.81
N LEU B 81 -0.89 -8.66 16.93
CA LEU B 81 -1.08 -7.24 16.68
C LEU B 81 -2.49 -6.77 16.97
N HIS B 82 -2.59 -5.54 17.49
CA HIS B 82 -3.88 -4.96 17.75
C HIS B 82 -4.57 -4.93 16.39
N PRO B 83 -5.86 -5.29 16.33
CA PRO B 83 -6.57 -5.27 15.06
C PRO B 83 -6.57 -3.92 14.35
N GLY B 84 -6.20 -2.88 15.07
CA GLY B 84 -6.18 -1.54 14.49
C GLY B 84 -4.82 -1.08 13.95
N SER B 85 -3.81 -1.95 14.05
CA SER B 85 -2.46 -1.63 13.58
C SER B 85 -2.50 -0.98 12.20
N SER B 86 -1.92 0.22 12.10
CA SER B 86 -1.93 0.95 10.83
C SER B 86 -1.34 0.21 9.64
N ALA B 87 -0.58 -0.84 9.89
CA ALA B 87 -0.01 -1.62 8.80
C ALA B 87 -1.09 -2.40 8.06
N LEU B 88 -2.19 -2.67 8.74
CA LEU B 88 -3.29 -3.45 8.18
C LEU B 88 -4.33 -2.55 7.51
N HIS B 89 -4.38 -1.30 7.95
CA HIS B 89 -5.35 -0.34 7.42
C HIS B 89 -4.81 0.65 6.39
N TYR B 90 -3.66 1.24 6.69
CA TYR B 90 -3.10 2.26 5.82
C TYR B 90 -1.74 1.95 5.22
N ALA B 91 -1.42 0.66 5.13
CA ALA B 91 -0.14 0.22 4.56
C ALA B 91 1.09 0.95 5.10
N VAL B 92 1.10 1.20 6.40
CA VAL B 92 2.22 1.86 7.07
C VAL B 92 3.25 0.73 7.21
N GLU B 93 3.99 0.45 6.14
CA GLU B 93 4.94 -0.66 6.16
C GLU B 93 5.96 -0.59 5.02
N LEU B 94 7.12 -1.23 5.24
CA LEU B 94 8.18 -1.29 4.24
C LEU B 94 8.98 -2.56 4.49
N PHE B 95 9.65 -3.04 3.46
CA PHE B 95 10.44 -4.26 3.61
C PHE B 95 11.72 -4.16 2.80
N GLU B 96 12.62 -5.11 3.05
CA GLU B 96 13.89 -5.19 2.34
C GLU B 96 14.12 -6.63 1.92
N GLY B 97 15.14 -6.84 1.11
CA GLY B 97 15.47 -8.18 0.65
C GLY B 97 16.93 -8.32 0.28
N LEU B 98 17.63 -9.22 0.96
CA LEU B 98 19.04 -9.46 0.68
C LEU B 98 19.32 -10.93 1.01
N LYS B 99 20.42 -11.48 0.52
CA LYS B 99 20.72 -12.88 0.76
C LYS B 99 22.03 -13.20 1.46
N ALA B 100 22.10 -14.43 1.97
CA ALA B 100 23.30 -14.95 2.62
C ALA B 100 23.71 -16.13 1.73
N PHE B 101 25.00 -16.26 1.44
CA PHE B 101 25.49 -17.34 0.60
C PHE B 101 26.61 -18.13 1.28
N ARG B 102 26.52 -19.46 1.21
CA ARG B 102 27.54 -20.35 1.75
C ARG B 102 28.55 -20.50 0.62
N GLY B 103 29.75 -19.96 0.81
CA GLY B 103 30.78 -20.01 -0.21
C GLY B 103 31.39 -21.37 -0.48
N VAL B 104 32.13 -21.46 -1.59
CA VAL B 104 32.81 -22.69 -1.98
C VAL B 104 33.87 -23.05 -0.93
N ASP B 105 34.13 -22.13 -0.02
CA ASP B 105 35.09 -22.31 1.06
C ASP B 105 34.28 -22.55 2.33
N ASN B 106 32.98 -22.71 2.14
CA ASN B 106 32.04 -22.95 3.22
C ASN B 106 31.84 -21.75 4.14
N LYS B 107 32.37 -20.60 3.74
CA LYS B 107 32.21 -19.39 4.54
C LYS B 107 30.89 -18.72 4.15
N ILE B 108 30.12 -18.28 5.14
CA ILE B 108 28.84 -17.62 4.89
C ILE B 108 29.04 -16.12 4.65
N ARG B 109 28.51 -15.61 3.54
CA ARG B 109 28.68 -14.20 3.21
C ARG B 109 27.40 -13.43 2.93
N LEU B 110 27.42 -12.16 3.29
CA LEU B 110 26.30 -11.28 3.02
C LEU B 110 26.75 -10.41 1.86
N PHE B 111 25.83 -10.16 0.93
CA PHE B 111 26.14 -9.37 -0.25
C PHE B 111 25.61 -7.93 -0.17
N GLN B 112 26.51 -6.95 -0.17
CA GLN B 112 26.14 -5.54 -0.10
C GLN B 112 25.07 -5.23 0.95
N PRO B 113 25.17 -5.84 2.14
CA PRO B 113 24.16 -5.60 3.18
C PRO B 113 23.99 -4.16 3.65
N ASN B 114 25.07 -3.38 3.64
CA ASN B 114 24.94 -2.00 4.08
C ASN B 114 24.10 -1.16 3.12
N LEU B 115 24.04 -1.53 1.85
CA LEU B 115 23.22 -0.78 0.89
C LEU B 115 21.75 -1.03 1.21
N ASN B 116 21.44 -2.24 1.67
CA ASN B 116 20.07 -2.58 2.02
C ASN B 116 19.64 -1.78 3.26
N MET B 117 20.54 -1.64 4.21
CA MET B 117 20.27 -0.88 5.42
C MET B 117 19.99 0.58 5.06
N ASP B 118 20.78 1.14 4.14
CA ASP B 118 20.60 2.53 3.72
C ASP B 118 19.25 2.72 3.05
N ARG B 119 18.87 1.78 2.19
CA ARG B 119 17.62 1.90 1.50
C ARG B 119 16.45 1.71 2.48
N MET B 120 16.61 0.79 3.43
CA MET B 120 15.57 0.56 4.43
C MET B 120 15.38 1.80 5.30
N TYR B 121 16.48 2.48 5.58
CA TYR B 121 16.46 3.67 6.43
C TYR B 121 15.76 4.82 5.72
N ARG B 122 16.12 5.07 4.46
CA ARG B 122 15.50 6.16 3.70
C ARG B 122 14.00 5.88 3.55
N SER B 123 13.65 4.63 3.28
CA SER B 123 12.26 4.28 3.14
C SER B 123 11.52 4.46 4.46
N ALA B 124 12.20 4.20 5.58
CA ALA B 124 11.56 4.37 6.88
C ALA B 124 11.17 5.85 7.06
N VAL B 125 12.07 6.75 6.65
CA VAL B 125 11.80 8.18 6.76
C VAL B 125 10.61 8.61 5.88
N ARG B 126 10.59 8.13 4.64
CA ARG B 126 9.50 8.48 3.73
C ARG B 126 8.14 7.93 4.23
N ALA B 127 8.19 6.88 5.03
CA ALA B 127 6.98 6.26 5.58
C ALA B 127 6.63 6.85 6.95
N THR B 128 7.55 7.68 7.47
CA THR B 128 7.44 8.32 8.77
C THR B 128 7.53 7.30 9.90
N LEU B 129 8.22 6.21 9.62
CA LEU B 129 8.45 5.17 10.62
C LEU B 129 9.72 5.62 11.38
N PRO B 130 9.92 5.16 12.61
CA PRO B 130 11.08 5.53 13.42
C PRO B 130 12.46 5.13 12.88
N VAL B 131 13.43 6.03 13.00
CA VAL B 131 14.79 5.77 12.54
C VAL B 131 15.48 4.79 13.47
N PHE B 132 16.50 4.11 12.95
CA PHE B 132 17.25 3.15 13.73
C PHE B 132 18.70 3.23 13.30
N ASP B 133 19.61 2.78 14.15
CA ASP B 133 21.02 2.80 13.82
C ASP B 133 21.32 1.67 12.83
N LYS B 134 21.64 2.03 11.58
CA LYS B 134 21.93 1.06 10.53
C LYS B 134 22.87 -0.08 10.88
N GLU B 135 23.95 0.22 11.59
CA GLU B 135 24.92 -0.83 11.95
C GLU B 135 24.34 -1.80 12.99
N GLU B 136 23.56 -1.28 13.92
CA GLU B 136 22.96 -2.12 14.94
C GLU B 136 22.01 -3.11 14.32
N LEU B 137 21.25 -2.67 13.33
CA LEU B 137 20.32 -3.56 12.68
C LEU B 137 21.11 -4.64 11.96
N LEU B 138 22.12 -4.23 11.21
CA LEU B 138 22.93 -5.21 10.48
C LEU B 138 23.54 -6.25 11.43
N GLU B 139 24.10 -5.80 12.54
CA GLU B 139 24.69 -6.74 13.50
C GLU B 139 23.64 -7.70 14.05
N CYS B 140 22.43 -7.21 14.28
CA CYS B 140 21.36 -8.05 14.80
C CYS B 140 20.98 -9.08 13.76
N ILE B 141 21.03 -8.68 12.50
CA ILE B 141 20.71 -9.59 11.41
C ILE B 141 21.81 -10.65 11.28
N GLN B 142 23.07 -10.21 11.37
CA GLN B 142 24.19 -11.15 11.27
C GLN B 142 24.07 -12.20 12.38
N GLN B 143 23.65 -11.77 13.56
CA GLN B 143 23.51 -12.69 14.69
C GLN B 143 22.33 -13.64 14.52
N LEU B 144 21.33 -13.20 13.76
CA LEU B 144 20.19 -14.04 13.50
C LEU B 144 20.64 -15.11 12.50
N VAL B 145 21.36 -14.67 11.48
CA VAL B 145 21.86 -15.60 10.46
C VAL B 145 22.87 -16.57 11.08
N LYS B 146 23.69 -16.07 11.99
CA LYS B 146 24.66 -16.91 12.66
C LYS B 146 23.95 -18.03 13.43
N LEU B 147 22.89 -17.70 14.14
CA LEU B 147 22.15 -18.70 14.90
C LEU B 147 21.57 -19.78 13.98
N ASP B 148 20.88 -19.37 12.92
CA ASP B 148 20.29 -20.30 11.97
C ASP B 148 21.21 -20.56 10.78
N GLN B 149 22.51 -20.42 10.98
CA GLN B 149 23.46 -20.58 9.88
C GLN B 149 23.36 -21.90 9.12
N GLU B 150 22.94 -22.97 9.79
CA GLU B 150 22.83 -24.24 9.10
C GLU B 150 21.73 -24.20 8.05
N TRP B 151 20.88 -23.18 8.13
CA TRP B 151 19.80 -23.02 7.16
C TRP B 151 20.34 -22.44 5.84
N VAL B 152 21.55 -21.87 5.86
CA VAL B 152 22.13 -21.33 4.64
C VAL B 152 22.48 -22.58 3.83
N PRO B 153 21.65 -22.91 2.85
CA PRO B 153 21.77 -24.07 1.96
C PRO B 153 23.15 -24.49 1.44
N TYR B 154 23.46 -25.77 1.61
CA TYR B 154 24.72 -26.33 1.12
C TYR B 154 24.51 -26.54 -0.37
N SER B 155 24.58 -25.45 -1.13
CA SER B 155 24.37 -25.49 -2.57
C SER B 155 24.91 -24.21 -3.19
N THR B 156 25.32 -24.29 -4.46
CA THR B 156 25.85 -23.13 -5.16
C THR B 156 24.76 -22.50 -6.03
N SER B 157 23.57 -23.06 -5.96
CA SER B 157 22.43 -22.54 -6.71
C SER B 157 21.27 -22.24 -5.76
N ALA B 158 21.58 -22.09 -4.48
CA ALA B 158 20.57 -21.80 -3.47
C ALA B 158 21.14 -20.85 -2.43
N SER B 159 20.27 -20.19 -1.67
CA SER B 159 20.76 -19.25 -0.68
C SER B 159 19.73 -19.03 0.42
N LEU B 160 20.06 -18.12 1.32
CA LEU B 160 19.16 -17.80 2.42
C LEU B 160 18.67 -16.37 2.24
N TYR B 161 17.38 -16.24 1.96
CA TYR B 161 16.76 -14.93 1.76
C TYR B 161 16.50 -14.31 3.12
N ILE B 162 16.80 -13.03 3.24
CA ILE B 162 16.61 -12.30 4.48
C ILE B 162 15.54 -11.24 4.25
N ARG B 163 14.50 -11.27 5.05
CA ARG B 163 13.40 -10.33 4.90
C ARG B 163 13.18 -9.37 6.08
N PRO B 164 13.90 -8.24 6.11
CA PRO B 164 13.70 -7.30 7.21
C PRO B 164 12.35 -6.65 6.92
N THR B 165 11.53 -6.44 7.95
CA THR B 165 10.21 -5.87 7.74
C THR B 165 9.91 -4.85 8.82
N PHE B 166 9.29 -3.73 8.43
CA PHE B 166 9.00 -2.60 9.34
C PHE B 166 7.53 -2.21 9.24
N ILE B 167 6.74 -2.48 10.27
CA ILE B 167 5.32 -2.15 10.26
C ILE B 167 4.84 -1.22 11.37
N GLY B 168 3.86 -0.39 11.04
CA GLY B 168 3.29 0.50 12.04
C GLY B 168 2.25 -0.31 12.79
N THR B 169 2.27 -0.25 14.12
CA THR B 169 1.31 -1.00 14.91
C THR B 169 0.43 -0.07 15.73
N GLU B 170 0.30 1.16 15.23
CA GLU B 170 -0.55 2.20 15.82
C GLU B 170 -1.98 1.64 16.01
N PRO B 171 -2.49 1.64 17.25
CA PRO B 171 -3.85 1.14 17.52
C PRO B 171 -4.99 2.01 17.00
N SER B 172 -4.85 3.33 17.09
CA SER B 172 -5.90 4.25 16.66
C SER B 172 -6.12 4.23 15.15
N LEU B 173 -7.36 4.44 14.72
CA LEU B 173 -7.70 4.41 13.29
C LEU B 173 -7.41 5.71 12.55
N GLY B 174 -6.90 6.71 13.23
CA GLY B 174 -6.60 7.95 12.53
C GLY B 174 -5.44 7.76 11.57
N VAL B 175 -5.50 8.40 10.41
CA VAL B 175 -4.41 8.29 9.43
C VAL B 175 -3.32 9.29 9.78
N LYS B 176 -2.30 8.81 10.48
CA LYS B 176 -1.19 9.69 10.89
C LYS B 176 0.10 8.91 11.15
N LYS B 177 1.15 9.63 11.51
CA LYS B 177 2.45 9.04 11.80
C LYS B 177 2.29 8.11 13.01
N PRO B 178 2.70 6.85 12.88
CA PRO B 178 2.59 5.87 13.96
C PRO B 178 3.34 6.21 15.26
N THR B 179 2.73 5.86 16.39
CA THR B 179 3.32 6.09 17.70
C THR B 179 3.75 4.75 18.27
N LYS B 180 3.53 3.71 17.46
CA LYS B 180 3.89 2.34 17.83
C LYS B 180 4.31 1.64 16.54
N ALA B 181 5.28 0.74 16.64
CA ALA B 181 5.76 0.05 15.46
C ALA B 181 6.59 -1.17 15.84
N LEU B 182 6.78 -2.04 14.85
CA LEU B 182 7.55 -3.25 15.04
C LEU B 182 8.50 -3.49 13.88
N LEU B 183 9.72 -3.88 14.19
CA LEU B 183 10.70 -4.19 13.15
C LEU B 183 11.09 -5.63 13.39
N PHE B 184 10.98 -6.44 12.34
CA PHE B 184 11.35 -7.84 12.47
C PHE B 184 12.04 -8.36 11.23
N VAL B 185 12.73 -9.47 11.38
CA VAL B 185 13.44 -10.06 10.26
C VAL B 185 13.16 -11.56 10.19
N LEU B 186 12.76 -12.01 9.00
CA LEU B 186 12.48 -13.42 8.77
C LEU B 186 13.58 -13.96 7.85
N LEU B 187 13.77 -15.27 7.88
CA LEU B 187 14.77 -15.91 7.04
C LEU B 187 14.08 -17.05 6.32
N SER B 188 14.35 -17.16 5.02
CA SER B 188 13.75 -18.20 4.20
C SER B 188 14.73 -18.77 3.17
N PRO B 189 15.10 -20.06 3.31
CA PRO B 189 16.02 -20.61 2.33
C PRO B 189 15.32 -20.68 0.97
N VAL B 190 16.00 -20.21 -0.07
CA VAL B 190 15.42 -20.24 -1.41
C VAL B 190 16.39 -20.69 -2.48
N GLY B 191 15.82 -20.99 -3.64
CA GLY B 191 16.58 -21.38 -4.80
C GLY B 191 16.25 -20.33 -5.84
N PRO B 192 15.42 -20.65 -6.85
CA PRO B 192 15.07 -19.67 -7.88
C PRO B 192 13.77 -18.93 -7.52
N TYR B 193 13.59 -17.72 -8.03
CA TYR B 193 12.40 -16.95 -7.75
C TYR B 193 11.17 -17.62 -8.36
N PHE B 194 11.36 -18.31 -9.48
CA PHE B 194 10.26 -19.00 -10.15
C PHE B 194 10.46 -20.51 -10.16
N PHE B 199 18.89 -21.04 -16.80
CA PHE B 199 18.07 -19.88 -17.25
C PHE B 199 16.70 -20.30 -17.77
N ASN B 200 15.64 -19.95 -17.04
CA ASN B 200 14.31 -20.26 -17.53
C ASN B 200 13.75 -18.92 -17.96
N PRO B 201 13.68 -18.68 -19.27
CA PRO B 201 13.16 -17.41 -19.79
C PRO B 201 11.69 -17.20 -19.44
N VAL B 202 11.30 -15.95 -19.23
CA VAL B 202 9.93 -15.63 -18.91
C VAL B 202 9.31 -14.78 -20.02
N SER B 203 7.99 -14.84 -20.13
CA SER B 203 7.27 -14.07 -21.13
C SER B 203 6.54 -13.00 -20.31
N LEU B 204 6.47 -11.78 -20.84
CA LEU B 204 5.84 -10.68 -20.11
C LEU B 204 4.51 -10.22 -20.68
N TRP B 205 3.66 -9.70 -19.80
CA TRP B 205 2.37 -9.19 -20.22
C TRP B 205 2.39 -7.67 -20.10
N ALA B 206 2.39 -7.00 -21.24
CA ALA B 206 2.43 -5.54 -21.28
C ALA B 206 1.09 -4.90 -21.67
N ASN B 207 0.47 -4.25 -20.69
CA ASN B 207 -0.80 -3.56 -20.88
C ASN B 207 -0.69 -2.20 -20.19
N PRO B 208 -0.61 -1.12 -20.98
CA PRO B 208 -0.48 0.26 -20.49
C PRO B 208 -1.62 0.72 -19.59
N LYS B 209 -2.66 -0.07 -19.48
CA LYS B 209 -3.79 0.31 -18.64
C LYS B 209 -3.40 0.37 -17.15
N TYR B 210 -2.42 -0.43 -16.73
CA TYR B 210 -1.98 -0.41 -15.34
C TYR B 210 -0.63 0.31 -15.19
N VAL B 211 -0.48 1.06 -14.12
CA VAL B 211 0.75 1.80 -13.86
C VAL B 211 1.28 1.42 -12.47
N ARG B 212 2.51 0.91 -12.43
CA ARG B 212 3.12 0.49 -11.17
C ARG B 212 3.36 1.64 -10.20
N ALA B 213 4.00 2.69 -10.69
CA ALA B 213 4.33 3.85 -9.88
C ALA B 213 4.33 5.10 -10.76
N TRP B 214 4.26 6.27 -10.14
CA TRP B 214 4.22 7.50 -10.91
C TRP B 214 5.05 8.61 -10.29
N LYS B 215 5.42 9.58 -11.12
CA LYS B 215 6.21 10.72 -10.67
C LYS B 215 5.48 11.38 -9.51
N GLY B 216 6.19 11.62 -8.42
CA GLY B 216 5.58 12.22 -7.26
C GLY B 216 5.03 11.12 -6.38
N GLY B 217 5.29 9.88 -6.81
CA GLY B 217 4.84 8.71 -6.10
C GLY B 217 5.90 8.17 -5.15
N THR B 218 5.83 6.89 -4.87
CA THR B 218 6.77 6.26 -3.94
C THR B 218 7.35 4.98 -4.51
N GLY B 219 7.27 4.83 -5.83
CA GLY B 219 7.77 3.64 -6.48
C GLY B 219 9.27 3.45 -6.34
N ASP B 220 9.95 4.44 -5.79
CA ASP B 220 11.39 4.33 -5.62
C ASP B 220 11.75 3.85 -4.22
N CYS B 221 10.77 3.30 -3.50
CA CYS B 221 10.97 2.77 -2.15
C CYS B 221 10.34 1.39 -2.05
N LYS B 222 10.85 0.56 -1.16
CA LYS B 222 10.27 -0.77 -1.00
C LYS B 222 9.14 -0.72 0.03
N MET B 223 8.17 0.15 -0.24
CA MET B 223 7.02 0.30 0.63
C MET B 223 5.86 -0.59 0.17
N GLY B 224 5.31 -1.35 1.11
CA GLY B 224 4.22 -2.26 0.83
C GLY B 224 3.16 -1.78 -0.15
N GLY B 225 2.77 -0.53 -0.02
CA GLY B 225 1.75 0.05 -0.89
C GLY B 225 1.93 -0.13 -2.38
N ASN B 226 3.18 -0.15 -2.85
CA ASN B 226 3.46 -0.30 -4.28
C ASN B 226 3.20 -1.72 -4.84
N TYR B 227 3.11 -2.71 -3.97
CA TYR B 227 2.91 -4.08 -4.44
C TYR B 227 1.47 -4.59 -4.42
N GLY B 228 0.71 -4.26 -3.39
CA GLY B 228 -0.67 -4.72 -3.31
C GLY B 228 -1.49 -4.25 -4.49
N SER B 229 -1.09 -3.13 -5.08
CA SER B 229 -1.79 -2.57 -6.22
C SER B 229 -1.39 -3.27 -7.51
N SER B 230 -0.37 -4.12 -7.44
CA SER B 230 0.09 -4.81 -8.65
C SER B 230 -0.55 -6.17 -8.89
N LEU B 231 -1.09 -6.78 -7.82
CA LEU B 231 -1.70 -8.10 -7.91
C LEU B 231 -2.75 -8.27 -9.01
N PHE B 232 -3.58 -7.25 -9.22
CA PHE B 232 -4.59 -7.37 -10.25
C PHE B 232 -3.96 -7.56 -11.62
N ALA B 233 -2.92 -6.79 -11.90
CA ALA B 233 -2.24 -6.89 -13.19
C ALA B 233 -1.48 -8.21 -13.23
N GLN B 234 -0.86 -8.58 -12.12
CA GLN B 234 -0.09 -9.82 -12.04
C GLN B 234 -0.92 -11.07 -12.35
N CYS B 235 -2.06 -11.21 -11.68
CA CYS B 235 -2.89 -12.39 -11.91
C CYS B 235 -3.39 -12.37 -13.35
N GLU B 236 -3.55 -11.17 -13.89
CA GLU B 236 -4.01 -11.02 -15.26
C GLU B 236 -2.95 -11.48 -16.26
N ALA B 237 -1.68 -11.39 -15.86
CA ALA B 237 -0.60 -11.82 -16.73
C ALA B 237 -0.60 -13.35 -16.74
N VAL B 238 -0.83 -13.94 -15.57
CA VAL B 238 -0.85 -15.40 -15.44
C VAL B 238 -1.93 -16.06 -16.29
N ASP B 239 -3.15 -15.54 -16.20
CA ASP B 239 -4.22 -16.13 -17.00
C ASP B 239 -4.03 -15.81 -18.48
N ASN B 240 -2.82 -15.39 -18.83
CA ASN B 240 -2.47 -15.09 -20.20
C ASN B 240 -1.13 -15.74 -20.54
N GLY B 241 -0.70 -16.66 -19.67
CA GLY B 241 0.55 -17.38 -19.88
C GLY B 241 1.83 -16.70 -19.45
N CYS B 242 1.77 -15.43 -19.09
CA CYS B 242 2.96 -14.69 -18.69
C CYS B 242 3.31 -14.83 -17.22
N GLN B 243 4.60 -14.88 -16.91
CA GLN B 243 5.07 -15.03 -15.54
C GLN B 243 5.26 -13.68 -14.84
N GLN B 244 5.40 -12.61 -15.62
CA GLN B 244 5.59 -11.28 -15.06
C GLN B 244 4.93 -10.19 -15.89
N VAL B 245 4.74 -9.04 -15.27
CA VAL B 245 4.14 -7.89 -15.91
C VAL B 245 5.26 -6.97 -16.37
N LEU B 246 5.14 -6.44 -17.58
CA LEU B 246 6.13 -5.47 -18.06
C LEU B 246 5.43 -4.15 -17.76
N TRP B 247 5.95 -3.42 -16.78
CA TRP B 247 5.35 -2.15 -16.38
C TRP B 247 5.64 -0.98 -17.33
N LEU B 248 4.58 -0.45 -17.93
CA LEU B 248 4.69 0.66 -18.86
C LEU B 248 4.28 1.97 -18.20
N TYR B 249 4.91 3.07 -18.63
CA TYR B 249 4.62 4.37 -18.07
C TYR B 249 4.58 5.45 -19.14
N GLY B 250 3.58 6.33 -19.03
CA GLY B 250 3.44 7.46 -19.94
C GLY B 250 2.83 7.28 -21.32
N GLU B 251 2.62 8.41 -21.99
CA GLU B 251 2.06 8.44 -23.34
C GLU B 251 2.92 7.65 -24.32
N ASP B 252 4.25 7.73 -24.15
CA ASP B 252 5.16 7.01 -25.03
C ASP B 252 5.43 5.58 -24.57
N HIS B 253 4.71 5.16 -23.54
CA HIS B 253 4.83 3.79 -23.02
C HIS B 253 6.26 3.36 -22.68
N GLN B 254 6.89 4.04 -21.73
CA GLN B 254 8.23 3.66 -21.35
C GLN B 254 8.18 2.29 -20.66
N ILE B 255 9.16 1.43 -20.94
CA ILE B 255 9.21 0.14 -20.28
C ILE B 255 10.05 0.44 -19.05
N THR B 256 9.48 0.23 -17.86
CA THR B 256 10.20 0.54 -16.63
C THR B 256 10.84 -0.62 -15.89
N GLU B 257 10.02 -1.59 -15.48
CA GLU B 257 10.53 -2.75 -14.76
C GLU B 257 9.85 -4.04 -15.18
N VAL B 258 10.54 -5.16 -14.96
CA VAL B 258 10.02 -6.49 -15.27
C VAL B 258 9.48 -7.04 -13.96
N GLY B 259 8.16 -6.98 -13.77
CA GLY B 259 7.59 -7.47 -12.53
C GLY B 259 8.16 -6.72 -11.34
N THR B 260 8.82 -7.43 -10.43
CA THR B 260 9.43 -6.81 -9.26
C THR B 260 10.93 -6.73 -9.44
N MET B 261 11.37 -6.71 -10.70
CA MET B 261 12.79 -6.65 -11.05
C MET B 261 13.10 -5.51 -12.01
N ASN B 262 14.31 -4.98 -11.92
CA ASN B 262 14.72 -3.90 -12.79
C ASN B 262 14.92 -4.45 -14.20
N LEU B 263 14.71 -3.60 -15.20
CA LEU B 263 14.83 -4.01 -16.59
C LEU B 263 16.11 -3.63 -17.29
N PHE B 264 16.70 -4.59 -17.99
CA PHE B 264 17.93 -4.34 -18.75
C PHE B 264 17.76 -4.71 -20.20
N LEU B 265 18.33 -3.90 -21.09
CA LEU B 265 18.26 -4.17 -22.52
C LEU B 265 19.66 -4.13 -23.16
N TYR B 266 20.04 -5.23 -23.80
CA TYR B 266 21.33 -5.34 -24.47
C TYR B 266 21.01 -5.30 -25.96
N TRP B 267 21.42 -4.24 -26.64
CA TRP B 267 21.11 -4.07 -28.06
C TRP B 267 22.07 -3.14 -28.77
N ILE B 268 21.76 -2.88 -30.04
CA ILE B 268 22.50 -1.94 -30.86
C ILE B 268 21.53 -0.76 -30.81
N ASN B 269 21.97 0.38 -30.31
CA ASN B 269 21.06 1.53 -30.21
C ASN B 269 20.78 2.25 -31.53
N GLU B 270 20.10 3.39 -31.44
CA GLU B 270 19.75 4.17 -32.61
C GLU B 270 20.98 4.60 -33.40
N ASP B 271 22.05 4.93 -32.68
CA ASP B 271 23.29 5.37 -33.30
C ASP B 271 24.11 4.18 -33.78
N GLY B 272 23.51 3.00 -33.77
CA GLY B 272 24.23 1.82 -34.22
C GLY B 272 25.34 1.35 -33.29
N GLU B 273 25.31 1.78 -32.03
CA GLU B 273 26.33 1.37 -31.08
C GLU B 273 25.81 0.23 -30.21
N GLU B 274 26.70 -0.68 -29.84
CA GLU B 274 26.37 -1.81 -28.97
C GLU B 274 26.17 -1.18 -27.59
N GLU B 275 25.06 -1.50 -26.94
CA GLU B 275 24.77 -0.88 -25.67
C GLU B 275 23.94 -1.73 -24.72
N LEU B 276 24.17 -1.51 -23.43
CA LEU B 276 23.43 -2.17 -22.37
C LEU B 276 22.72 -0.95 -21.79
N ALA B 277 21.39 -0.99 -21.78
CA ALA B 277 20.62 0.14 -21.28
C ALA B 277 19.61 -0.28 -20.23
N THR B 278 19.28 0.65 -19.36
CA THR B 278 18.32 0.42 -18.28
C THR B 278 17.67 1.77 -17.93
N PRO B 279 16.36 1.78 -17.66
CA PRO B 279 15.66 3.03 -17.31
C PRO B 279 16.40 3.81 -16.22
N PRO B 280 16.35 5.14 -16.27
CA PRO B 280 17.04 5.96 -15.26
C PRO B 280 16.28 6.07 -13.94
N LEU B 281 17.00 6.42 -12.88
CA LEU B 281 16.36 6.58 -11.58
C LEU B 281 15.70 7.96 -11.52
N ASP B 282 14.49 8.08 -12.05
CA ASP B 282 13.80 9.35 -12.05
C ASP B 282 12.59 9.39 -11.12
N GLY B 283 12.56 8.49 -10.16
CA GLY B 283 11.46 8.46 -9.21
C GLY B 283 10.45 7.33 -9.37
N ILE B 284 10.37 6.74 -10.57
CA ILE B 284 9.43 5.63 -10.78
C ILE B 284 10.12 4.27 -10.80
N ILE B 285 11.43 4.30 -10.62
CA ILE B 285 12.24 3.10 -10.64
C ILE B 285 12.88 2.84 -9.27
N LEU B 286 12.75 1.62 -8.78
CA LEU B 286 13.36 1.27 -7.50
C LEU B 286 14.84 1.02 -7.76
N PRO B 287 15.72 1.72 -7.02
CA PRO B 287 17.17 1.57 -7.18
C PRO B 287 17.61 0.21 -6.68
N GLY B 288 17.52 -0.80 -7.52
CA GLY B 288 17.93 -2.14 -7.10
C GLY B 288 19.42 -2.24 -6.85
N VAL B 289 19.81 -3.09 -5.89
CA VAL B 289 21.23 -3.29 -5.59
C VAL B 289 21.84 -4.08 -6.74
N THR B 290 21.09 -5.02 -7.29
CA THR B 290 21.56 -5.85 -8.40
C THR B 290 21.80 -4.93 -9.60
N ARG B 291 20.85 -4.04 -9.82
CA ARG B 291 20.92 -3.08 -10.92
C ARG B 291 22.21 -2.28 -10.84
N ARG B 292 22.52 -1.74 -9.66
CA ARG B 292 23.72 -0.94 -9.49
C ARG B 292 24.96 -1.79 -9.74
N CYS B 293 24.96 -3.02 -9.23
CA CYS B 293 26.09 -3.90 -9.43
C CYS B 293 26.35 -4.21 -10.90
N ILE B 294 25.29 -4.45 -11.64
CA ILE B 294 25.43 -4.77 -13.06
C ILE B 294 25.97 -3.57 -13.84
N LEU B 295 25.51 -2.37 -13.51
CA LEU B 295 26.03 -1.18 -14.17
C LEU B 295 27.51 -1.05 -13.81
N ASP B 296 27.86 -1.32 -12.55
CA ASP B 296 29.27 -1.25 -12.16
C ASP B 296 30.12 -2.22 -12.97
N LEU B 297 29.72 -3.49 -13.05
CA LEU B 297 30.46 -4.50 -13.80
C LEU B 297 30.56 -4.14 -15.29
N ALA B 298 29.44 -3.70 -15.87
CA ALA B 298 29.42 -3.33 -17.28
C ALA B 298 30.36 -2.15 -17.51
N HIS B 299 30.37 -1.21 -16.57
CA HIS B 299 31.24 -0.05 -16.68
C HIS B 299 32.71 -0.42 -16.61
N GLN B 300 33.11 -1.31 -15.71
CA GLN B 300 34.52 -1.67 -15.64
C GLN B 300 34.98 -2.49 -16.84
N TRP B 301 34.14 -3.40 -17.34
CA TRP B 301 34.54 -4.18 -18.52
C TRP B 301 34.75 -3.20 -19.68
N GLY B 302 33.95 -2.14 -19.70
CA GLY B 302 34.07 -1.13 -20.72
C GLY B 302 34.13 -1.66 -22.14
N GLU B 303 33.42 -2.75 -22.41
CA GLU B 303 33.43 -3.35 -23.74
C GLU B 303 32.31 -2.84 -24.65
N PHE B 304 31.41 -2.04 -24.09
CA PHE B 304 30.31 -1.48 -24.85
C PHE B 304 29.73 -0.33 -24.06
N LYS B 305 28.84 0.44 -24.68
CA LYS B 305 28.25 1.59 -24.02
C LYS B 305 27.23 1.19 -22.94
N VAL B 306 27.29 1.88 -21.80
CA VAL B 306 26.38 1.62 -20.68
C VAL B 306 25.53 2.88 -20.48
N SER B 307 24.23 2.76 -20.67
CA SER B 307 23.34 3.91 -20.55
C SER B 307 22.13 3.76 -19.64
N GLU B 308 21.90 4.76 -18.80
CA GLU B 308 20.73 4.79 -17.94
C GLU B 308 19.85 5.73 -18.74
N ARG B 309 18.87 5.16 -19.43
CA ARG B 309 18.02 5.96 -20.31
C ARG B 309 16.62 5.40 -20.46
N TYR B 310 15.75 6.21 -21.04
CA TYR B 310 14.38 5.82 -21.29
C TYR B 310 14.33 4.82 -22.45
N LEU B 311 13.37 3.91 -22.38
CA LEU B 311 13.18 2.91 -23.42
C LEU B 311 11.66 2.74 -23.56
N THR B 312 11.17 2.83 -24.79
CA THR B 312 9.73 2.70 -25.04
C THR B 312 9.44 1.47 -25.88
N MET B 313 8.21 1.01 -25.86
CA MET B 313 7.82 -0.15 -26.66
C MET B 313 8.19 0.06 -28.12
N ASP B 314 8.13 1.31 -28.58
CA ASP B 314 8.47 1.61 -29.97
C ASP B 314 9.95 1.44 -30.29
N ASP B 315 10.82 1.87 -29.38
CA ASP B 315 12.25 1.70 -29.59
C ASP B 315 12.50 0.21 -29.66
N LEU B 316 11.85 -0.52 -28.75
CA LEU B 316 11.99 -1.96 -28.68
C LEU B 316 11.48 -2.67 -29.93
N THR B 317 10.22 -2.43 -30.31
CA THR B 317 9.69 -3.09 -31.49
C THR B 317 10.40 -2.64 -32.77
N THR B 318 10.81 -1.38 -32.81
CA THR B 318 11.51 -0.89 -34.00
C THR B 318 12.87 -1.61 -34.08
N ALA B 319 13.53 -1.75 -32.93
CA ALA B 319 14.83 -2.39 -32.87
C ALA B 319 14.73 -3.85 -33.28
N LEU B 320 13.66 -4.52 -32.86
CA LEU B 320 13.46 -5.92 -33.20
C LEU B 320 13.33 -6.09 -34.71
N GLU B 321 12.49 -5.26 -35.32
CA GLU B 321 12.29 -5.34 -36.76
C GLU B 321 13.61 -5.07 -37.47
N GLY B 322 14.53 -4.42 -36.76
CA GLY B 322 15.83 -4.12 -37.33
C GLY B 322 16.88 -5.13 -36.90
N ASN B 323 16.43 -6.18 -36.21
CA ASN B 323 17.33 -7.22 -35.72
C ASN B 323 18.46 -6.63 -34.88
N ARG B 324 18.16 -5.57 -34.13
CA ARG B 324 19.15 -4.91 -33.28
C ARG B 324 19.11 -5.30 -31.80
N VAL B 325 18.16 -6.12 -31.42
CA VAL B 325 18.07 -6.55 -30.04
C VAL B 325 18.81 -7.87 -29.87
N ARG B 326 19.51 -8.00 -28.74
CA ARG B 326 20.26 -9.21 -28.48
C ARG B 326 19.73 -9.94 -27.26
N GLU B 327 19.59 -9.19 -26.16
CA GLU B 327 19.13 -9.78 -24.91
C GLU B 327 18.32 -8.81 -24.08
N MET B 328 17.39 -9.36 -23.31
CA MET B 328 16.55 -8.59 -22.41
C MET B 328 16.44 -9.41 -21.14
N PHE B 329 16.57 -8.77 -20.00
CA PHE B 329 16.48 -9.52 -18.75
C PHE B 329 16.16 -8.65 -17.53
N GLY B 330 15.60 -9.28 -16.51
CA GLY B 330 15.27 -8.57 -15.30
C GLY B 330 16.34 -8.89 -14.28
N SER B 331 16.52 -8.03 -13.30
CA SER B 331 17.52 -8.27 -12.28
C SER B 331 16.97 -7.89 -10.91
N GLY B 332 17.38 -8.65 -9.90
CA GLY B 332 16.94 -8.38 -8.55
C GLY B 332 17.47 -9.45 -7.62
N THR B 333 17.49 -9.18 -6.32
CA THR B 333 18.01 -10.15 -5.37
C THR B 333 17.45 -11.57 -5.54
N ALA B 334 16.15 -11.67 -5.78
CA ALA B 334 15.47 -12.96 -5.97
C ALA B 334 15.93 -13.68 -7.22
N CYS B 335 16.22 -12.91 -8.27
CA CYS B 335 16.68 -13.47 -9.54
C CYS B 335 17.70 -12.50 -10.12
N VAL B 336 18.93 -12.66 -9.68
CA VAL B 336 20.02 -11.81 -10.12
C VAL B 336 19.92 -11.49 -11.62
N VAL B 337 19.64 -12.50 -12.44
CA VAL B 337 19.50 -12.29 -13.88
C VAL B 337 18.37 -13.17 -14.39
N CYS B 338 17.27 -12.55 -14.76
CA CYS B 338 16.10 -13.29 -15.24
C CYS B 338 15.77 -12.95 -16.70
N PRO B 339 16.34 -13.71 -17.64
CA PRO B 339 16.12 -13.51 -19.07
C PRO B 339 14.66 -13.50 -19.52
N VAL B 340 14.38 -12.66 -20.51
CA VAL B 340 13.04 -12.49 -21.08
C VAL B 340 13.01 -13.01 -22.53
N SER B 341 12.01 -13.81 -22.86
CA SER B 341 11.90 -14.36 -24.20
C SER B 341 10.72 -13.80 -25.03
N ASP B 342 9.61 -13.46 -24.37
CA ASP B 342 8.47 -12.92 -25.10
C ASP B 342 7.70 -11.84 -24.36
N ILE B 343 7.02 -10.99 -25.13
CA ILE B 343 6.22 -9.91 -24.60
C ILE B 343 4.88 -9.88 -25.32
N LEU B 344 3.79 -9.99 -24.57
CA LEU B 344 2.44 -9.95 -25.15
C LEU B 344 2.03 -8.50 -25.10
N TYR B 345 1.80 -7.91 -26.26
CA TYR B 345 1.46 -6.50 -26.38
C TYR B 345 0.53 -6.26 -27.57
N LYS B 346 -0.51 -5.46 -27.37
CA LYS B 346 -1.47 -5.13 -28.43
C LYS B 346 -2.05 -6.38 -29.07
N GLY B 347 -2.23 -7.43 -28.28
CA GLY B 347 -2.77 -8.67 -28.81
C GLY B 347 -1.78 -9.58 -29.50
N GLU B 348 -0.61 -9.05 -29.87
CA GLU B 348 0.41 -9.84 -30.54
C GLU B 348 1.46 -10.37 -29.56
N THR B 349 2.25 -11.36 -29.97
CA THR B 349 3.29 -11.90 -29.12
C THR B 349 4.64 -11.53 -29.72
N ILE B 350 5.29 -10.53 -29.13
CA ILE B 350 6.58 -10.06 -29.60
C ILE B 350 7.69 -10.94 -29.04
N HIS B 351 8.38 -11.66 -29.91
CA HIS B 351 9.44 -12.53 -29.45
C HIS B 351 10.76 -11.80 -29.28
N ILE B 352 11.43 -12.07 -28.16
CA ILE B 352 12.71 -11.47 -27.86
C ILE B 352 13.74 -12.58 -28.02
N PRO B 353 14.73 -12.37 -28.89
CA PRO B 353 15.81 -13.32 -29.22
C PRO B 353 16.86 -13.56 -28.14
N THR B 354 16.58 -13.16 -26.92
CA THR B 354 17.51 -13.36 -25.82
C THR B 354 18.19 -14.72 -25.80
N MET B 355 17.39 -15.79 -25.69
CA MET B 355 17.95 -17.16 -25.64
C MET B 355 18.61 -17.64 -26.91
N GLU B 356 18.31 -17.01 -28.05
CA GLU B 356 18.92 -17.40 -29.31
C GLU B 356 20.33 -16.81 -29.34
N ASN B 357 20.55 -15.78 -28.52
CA ASN B 357 21.84 -15.10 -28.48
C ASN B 357 22.72 -15.54 -27.32
N GLY B 358 22.53 -16.77 -26.84
CA GLY B 358 23.33 -17.26 -25.74
C GLY B 358 22.50 -17.75 -24.56
N PRO B 359 22.07 -16.86 -23.65
CA PRO B 359 22.31 -15.41 -23.66
C PRO B 359 23.71 -15.08 -23.16
N LYS B 360 24.58 -14.66 -24.08
CA LYS B 360 25.96 -14.34 -23.76
C LYS B 360 26.19 -13.41 -22.58
N LEU B 361 25.72 -12.17 -22.68
CA LEU B 361 25.93 -11.20 -21.60
C LEU B 361 25.18 -11.59 -20.34
N ALA B 362 23.98 -12.15 -20.50
CA ALA B 362 23.21 -12.55 -19.32
C ALA B 362 24.03 -13.57 -18.53
N SER B 363 24.61 -14.53 -19.22
CA SER B 363 25.40 -15.57 -18.56
C SER B 363 26.66 -15.02 -17.92
N ARG B 364 27.40 -14.20 -18.65
CA ARG B 364 28.64 -13.61 -18.16
C ARG B 364 28.36 -12.89 -16.85
N ILE B 365 27.27 -12.11 -16.83
CA ILE B 365 26.88 -11.36 -15.64
C ILE B 365 26.47 -12.27 -14.49
N LEU B 366 25.64 -13.28 -14.77
CA LEU B 366 25.19 -14.21 -13.73
C LEU B 366 26.38 -14.94 -13.14
N SER B 367 27.30 -15.32 -14.02
CA SER B 367 28.50 -16.03 -13.62
C SER B 367 29.36 -15.18 -12.69
N LYS B 368 29.49 -13.90 -13.03
CA LYS B 368 30.29 -12.97 -12.25
C LYS B 368 29.69 -12.66 -10.88
N LEU B 369 28.40 -12.37 -10.85
CA LEU B 369 27.74 -12.08 -9.58
C LEU B 369 27.80 -13.28 -8.64
N THR B 370 27.49 -14.47 -9.14
CA THR B 370 27.53 -15.66 -8.30
C THR B 370 28.96 -15.99 -7.86
N ASP B 371 29.93 -15.79 -8.75
CA ASP B 371 31.33 -16.06 -8.38
C ASP B 371 31.72 -15.19 -7.19
N ILE B 372 31.16 -13.99 -7.14
CA ILE B 372 31.44 -13.07 -6.04
C ILE B 372 30.66 -13.46 -4.79
N GLN B 373 29.39 -13.82 -4.97
CA GLN B 373 28.54 -14.18 -3.86
C GLN B 373 28.99 -15.47 -3.15
N TYR B 374 29.29 -16.50 -3.93
CA TYR B 374 29.75 -17.77 -3.37
C TYR B 374 31.26 -17.84 -3.14
N GLY B 375 31.88 -16.66 -3.01
CA GLY B 375 33.30 -16.59 -2.74
C GLY B 375 34.32 -17.15 -3.72
N ARG B 376 33.91 -17.53 -4.92
CA ARG B 376 34.87 -18.04 -5.88
C ARG B 376 35.77 -16.88 -6.31
N GLU B 377 35.39 -15.67 -5.91
CA GLU B 377 36.13 -14.47 -6.22
C GLU B 377 36.01 -13.47 -5.07
N GLU B 378 37.11 -12.88 -4.67
CA GLU B 378 37.08 -11.92 -3.57
C GLU B 378 36.81 -10.51 -4.06
N ARG B 379 35.92 -9.81 -3.36
CA ARG B 379 35.56 -8.44 -3.69
C ARG B 379 34.90 -7.83 -2.46
N ASP B 380 34.99 -6.52 -2.30
CA ASP B 380 34.41 -5.87 -1.13
C ASP B 380 32.89 -5.79 -1.15
N TRP B 381 32.26 -6.57 -2.02
CA TRP B 381 30.80 -6.59 -2.11
C TRP B 381 30.17 -7.61 -1.17
N THR B 382 31.00 -8.44 -0.55
CA THR B 382 30.52 -9.46 0.36
C THR B 382 31.14 -9.31 1.76
N ILE B 383 30.34 -9.54 2.78
CA ILE B 383 30.78 -9.45 4.17
C ILE B 383 30.69 -10.88 4.72
N VAL B 384 31.76 -11.35 5.33
CA VAL B 384 31.76 -12.71 5.89
C VAL B 384 31.11 -12.75 7.28
N LEU B 385 30.38 -13.83 7.53
CA LEU B 385 29.69 -14.09 8.79
C LEU B 385 28.98 -12.88 9.40
#